data_5FXV
#
_entry.id   5FXV
#
_cell.length_a   90.650
_cell.length_b   109.910
_cell.length_c   117.870
_cell.angle_alpha   90.00
_cell.angle_beta   90.00
_cell.angle_gamma   90.00
#
_symmetry.space_group_name_H-M   'P 21 21 21'
#
loop_
_entity.id
_entity.type
_entity.pdbx_description
1 polymer 'HISTONE DEMETHYLASE UTY'
2 non-polymer 'ZINC ION'
3 non-polymer 'MANGANESE (II) ION'
4 non-polymer 4-CARBOXYPIPERIDINE
5 non-polymer 1,2-ETHANEDIOL
6 water water
#
_entity_poly.entity_id   1
_entity_poly.type   'polypeptide(L)'
_entity_poly.pdbx_seq_one_letter_code
;MLPKDKLNPPTPSIYLENKRDAFFPPLHQFCTNPKNPVTVIRGLAGALKLDLGLFSTKTLVEANNEHMVEVRTQLLQPAD
ENWDPTGTKKIWRCESNRSHTTIAKYAQYQASSFQESLREENEKRTQHKDHSDNESTSSENSGRRRKGPFKTIKFGTNID
LSDNKKWKLQLHELTKLPAFARVVSAGNLLTHVGHTILGMNTVQLYMKVPGSRTPGHQENNNFCSVNINIGPGDCEWFVV
PEDYWGVLNDFCEKNNLNFLMSSWWPNLEDLYEANVPVYRFIQRPGDLVWINAGTVHWVQAVGWCNNIAWNVGPLTACQY
KLAVERYEWNKLKSVKSPVPMVHLSWNMARNIKVSDPKLFEMIKYCLLKILKQYQTLREALVAAGKEVIWHGRTNDEPAH
YCSICEVEVFNLLFVTNESNTQKTYIVHCHDCARKTSKSLENFVVLEQYKMEDLIQVYDQFTLALSLSSSSAENLYFQ
;
_entity_poly.pdbx_strand_id   A,B
#
# COMPACT_ATOMS: atom_id res chain seq x y z
N LYS A 4 21.24 24.95 23.08
CA LYS A 4 21.53 24.48 21.74
C LYS A 4 20.29 24.59 20.85
N ASP A 5 20.49 24.98 19.59
CA ASP A 5 19.39 25.11 18.64
C ASP A 5 18.85 23.73 18.27
N LYS A 6 19.72 22.74 18.41
CA LYS A 6 19.39 21.35 18.10
C LYS A 6 18.45 20.78 19.15
N LEU A 7 18.26 21.50 20.25
CA LEU A 7 17.35 21.04 21.30
C LEU A 7 15.93 21.55 21.13
N ASN A 8 15.72 22.38 20.11
CA ASN A 8 14.39 22.88 19.75
C ASN A 8 14.13 22.69 18.27
N PRO A 9 14.14 21.42 17.80
CA PRO A 9 14.17 21.15 16.35
C PRO A 9 12.85 21.53 15.67
N PRO A 10 12.87 21.76 14.36
CA PRO A 10 11.64 22.02 13.60
C PRO A 10 10.75 20.78 13.53
N THR A 11 9.44 20.99 13.43
CA THR A 11 8.50 19.87 13.35
C THR A 11 8.44 19.31 11.95
N PRO A 12 8.67 17.99 11.79
CA PRO A 12 8.46 17.43 10.45
C PRO A 12 7.00 17.66 10.08
N SER A 13 6.78 18.47 9.04
N SER A 13 6.76 18.47 9.05
CA SER A 13 5.43 18.85 8.69
CA SER A 13 5.41 18.92 8.72
C SER A 13 5.20 18.60 7.21
C SER A 13 5.13 18.80 7.22
N ILE A 14 3.96 18.28 6.88
CA ILE A 14 3.53 18.11 5.50
C ILE A 14 2.22 18.87 5.29
N TYR A 15 2.17 19.69 4.25
CA TYR A 15 1.01 20.52 3.97
C TYR A 15 0.19 19.94 2.81
N LEU A 16 -1.00 19.39 3.07
CA LEU A 16 -1.80 18.77 2.01
C LEU A 16 -2.81 19.73 1.40
N GLU A 17 -2.92 19.73 0.06
CA GLU A 17 -3.91 20.58 -0.60
C GLU A 17 -5.11 19.78 -1.11
N ASN A 18 -4.83 18.59 -1.60
CA ASN A 18 -5.85 17.79 -2.27
C ASN A 18 -5.69 16.30 -2.08
N LYS A 19 -6.63 15.53 -2.65
CA LYS A 19 -6.60 14.07 -2.51
C LYS A 19 -5.33 13.49 -3.09
N ARG A 20 -4.80 14.11 -4.13
CA ARG A 20 -3.57 13.58 -4.73
C ARG A 20 -2.45 13.63 -3.70
N ASP A 21 -2.34 14.76 -2.99
CA ASP A 21 -1.30 14.88 -1.98
C ASP A 21 -1.50 13.81 -0.91
N ALA A 22 -2.76 13.56 -0.53
CA ALA A 22 -3.03 12.60 0.55
C ALA A 22 -2.72 11.17 0.16
N PHE A 23 -2.86 10.84 -1.14
CA PHE A 23 -2.63 9.47 -1.58
C PHE A 23 -1.26 9.27 -2.21
N PHE A 24 -0.48 10.35 -2.28
CA PHE A 24 0.89 10.29 -2.74
C PHE A 24 1.73 9.37 -1.85
N PRO A 25 2.31 8.30 -2.41
CA PRO A 25 3.10 7.32 -1.64
C PRO A 25 4.29 7.86 -0.80
N PRO A 26 5.01 8.89 -1.27
CA PRO A 26 6.04 9.40 -0.34
C PRO A 26 5.52 9.96 1.00
N LEU A 27 4.24 10.27 1.11
CA LEU A 27 3.69 10.71 2.40
C LEU A 27 3.76 9.54 3.41
N HIS A 28 3.36 8.37 2.95
CA HIS A 28 3.38 7.15 3.75
C HIS A 28 4.81 6.83 4.21
N GLN A 29 5.78 7.01 3.32
CA GLN A 29 7.15 6.64 3.62
C GLN A 29 7.79 7.64 4.57
N PHE A 30 7.44 8.91 4.44
CA PHE A 30 7.89 9.95 5.36
C PHE A 30 7.40 9.65 6.79
N CYS A 31 6.12 9.34 6.95
CA CYS A 31 5.56 9.08 8.28
C CYS A 31 6.20 7.90 8.99
N THR A 32 6.50 6.84 8.25
CA THR A 32 6.97 5.60 8.88
C THR A 32 8.48 5.54 8.96
N ASN A 33 9.14 6.56 8.42
CA ASN A 33 10.59 6.71 8.53
C ASN A 33 11.03 6.97 9.98
N PRO A 34 11.82 6.04 10.55
CA PRO A 34 12.23 6.16 11.95
C PRO A 34 12.90 7.47 12.30
N LYS A 35 13.48 8.15 11.31
CA LYS A 35 14.15 9.43 11.57
C LYS A 35 13.17 10.54 11.91
N ASN A 36 11.91 10.36 11.56
CA ASN A 36 10.87 11.34 11.88
C ASN A 36 10.04 10.87 13.06
N PRO A 37 10.31 11.42 14.25
CA PRO A 37 9.63 10.97 15.49
C PRO A 37 8.13 11.26 15.46
N VAL A 38 7.77 12.34 14.75
CA VAL A 38 6.38 12.75 14.60
C VAL A 38 6.22 13.39 13.24
N THR A 39 5.06 13.22 12.62
CA THR A 39 4.78 13.93 11.38
C THR A 39 3.44 14.61 11.52
N VAL A 40 3.40 15.92 11.30
CA VAL A 40 2.13 16.64 11.33
C VAL A 40 1.63 16.82 9.91
N ILE A 41 0.49 16.21 9.61
CA ILE A 41 -0.08 16.30 8.27
C ILE A 41 -1.13 17.39 8.29
N ARG A 42 -0.73 18.57 7.85
CA ARG A 42 -1.59 19.74 7.93
C ARG A 42 -2.57 19.78 6.77
N GLY A 43 -3.80 20.17 7.06
CA GLY A 43 -4.79 20.33 6.01
C GLY A 43 -5.39 19.01 5.54
N LEU A 44 -5.21 17.96 6.35
CA LEU A 44 -5.61 16.62 5.96
C LEU A 44 -7.12 16.54 5.72
N ALA A 45 -7.93 17.06 6.65
CA ALA A 45 -9.39 16.98 6.54
C ALA A 45 -9.91 17.74 5.32
N GLY A 46 -9.40 18.96 5.14
CA GLY A 46 -9.77 19.80 4.00
C GLY A 46 -9.34 19.17 2.69
N ALA A 47 -8.12 18.61 2.66
CA ALA A 47 -7.63 17.90 1.48
C ALA A 47 -8.55 16.75 1.05
N LEU A 48 -9.09 16.01 2.03
CA LEU A 48 -9.96 14.86 1.73
C LEU A 48 -11.45 15.20 1.73
N LYS A 49 -11.78 16.43 2.09
CA LYS A 49 -13.16 16.83 2.33
C LYS A 49 -13.78 15.91 3.40
N LEU A 50 -13.04 15.65 4.47
CA LEU A 50 -13.60 14.91 5.61
C LEU A 50 -14.63 15.75 6.35
N ASP A 51 -15.78 15.18 6.68
CA ASP A 51 -16.76 15.93 7.45
C ASP A 51 -16.45 15.84 8.95
N LEU A 52 -15.74 16.84 9.46
CA LEU A 52 -15.37 16.89 10.87
C LEU A 52 -16.60 17.10 11.72
N GLY A 53 -17.65 17.63 11.10
CA GLY A 53 -18.92 17.87 11.78
C GLY A 53 -19.55 16.61 12.33
N LEU A 54 -19.21 15.45 11.76
CA LEU A 54 -19.73 14.18 12.28
C LEU A 54 -19.18 13.92 13.69
N PHE A 55 -18.12 14.62 14.07
CA PHE A 55 -17.53 14.43 15.39
C PHE A 55 -17.68 15.67 16.27
N SER A 56 -18.51 16.61 15.83
CA SER A 56 -18.83 17.76 16.69
C SER A 56 -19.62 17.25 17.91
N THR A 57 -19.43 17.96 19.02
CA THR A 57 -20.13 17.65 20.26
C THR A 57 -21.64 17.62 20.05
N LYS A 58 -22.16 18.54 19.23
CA LYS A 58 -23.60 18.55 18.93
C LYS A 58 -24.02 17.25 18.23
N THR A 59 -23.24 16.83 17.24
CA THR A 59 -23.52 15.57 16.56
C THR A 59 -23.44 14.37 17.53
N LEU A 60 -22.44 14.37 18.41
CA LEU A 60 -22.24 13.26 19.35
C LEU A 60 -23.39 13.12 20.35
N VAL A 61 -23.84 14.25 20.87
CA VAL A 61 -24.96 14.24 21.82
C VAL A 61 -26.18 13.59 21.16
N GLU A 62 -26.46 14.02 19.93
CA GLU A 62 -27.61 13.50 19.19
C GLU A 62 -27.50 12.00 18.92
N ALA A 63 -26.29 11.54 18.60
CA ALA A 63 -26.13 10.14 18.24
C ALA A 63 -26.25 9.18 19.42
N ASN A 64 -25.59 9.51 20.53
CA ASN A 64 -25.48 8.60 21.67
C ASN A 64 -25.30 9.36 22.96
N ASN A 65 -26.38 10.00 23.43
CA ASN A 65 -26.25 10.95 24.52
C ASN A 65 -25.91 10.31 25.87
N GLU A 66 -26.19 9.02 26.05
CA GLU A 66 -25.84 8.39 27.33
C GLU A 66 -24.53 7.61 27.26
N HIS A 67 -23.76 7.86 26.20
CA HIS A 67 -22.52 7.12 26.01
C HIS A 67 -21.53 7.50 27.10
N MET A 68 -20.77 6.53 27.59
CA MET A 68 -19.84 6.75 28.70
C MET A 68 -18.65 7.61 28.31
N VAL A 69 -18.24 8.48 29.24
CA VAL A 69 -17.03 9.31 29.10
C VAL A 69 -16.18 9.13 30.35
N GLU A 70 -14.88 8.86 30.20
CA GLU A 70 -13.96 8.86 31.34
C GLU A 70 -13.50 10.28 31.60
N VAL A 71 -13.77 10.78 32.80
CA VAL A 71 -13.38 12.14 33.14
C VAL A 71 -12.08 12.16 33.89
N ARG A 72 -11.20 13.07 33.49
CA ARG A 72 -10.03 13.39 34.28
C ARG A 72 -10.23 14.79 34.81
N THR A 73 -10.24 14.92 36.14
CA THR A 73 -10.32 16.22 36.77
C THR A 73 -8.89 16.67 37.05
N GLN A 74 -8.54 17.84 36.51
CA GLN A 74 -7.18 18.34 36.54
C GLN A 74 -7.13 19.80 36.94
N LEU A 75 -5.93 20.29 37.20
CA LEU A 75 -5.72 21.72 37.39
C LEU A 75 -5.38 22.41 36.08
N LEU A 76 -5.91 23.62 35.90
CA LEU A 76 -5.56 24.45 34.76
C LEU A 76 -4.21 25.11 34.97
N GLN A 77 -3.17 24.53 34.38
CA GLN A 77 -1.79 24.98 34.56
C GLN A 77 -1.43 25.99 33.46
N PRO A 78 -0.49 26.89 33.77
CA PRO A 78 -0.07 27.93 32.82
C PRO A 78 0.86 27.43 31.72
N ALA A 79 0.51 27.75 30.47
CA ALA A 79 1.38 27.48 29.35
C ALA A 79 1.86 26.02 29.31
N ASP A 80 3.17 25.85 29.44
CA ASP A 80 3.84 24.56 29.26
C ASP A 80 4.38 24.03 30.58
N GLU A 81 3.92 24.61 31.67
CA GLU A 81 4.46 24.30 32.99
C GLU A 81 3.55 23.40 33.81
N ASN A 82 4.12 22.79 34.85
CA ASN A 82 3.31 22.06 35.83
C ASN A 82 3.80 22.38 37.22
N TRP A 83 2.94 23.01 38.03
CA TRP A 83 3.33 23.46 39.35
C TRP A 83 2.76 22.56 40.42
N ASP A 84 3.49 22.46 41.54
CA ASP A 84 2.95 21.75 42.70
C ASP A 84 1.72 22.55 43.16
N PRO A 85 0.80 21.90 43.88
CA PRO A 85 -0.46 22.56 44.24
C PRO A 85 -0.30 23.96 44.86
N THR A 86 0.79 24.16 45.62
CA THR A 86 1.02 25.42 46.33
C THR A 86 1.56 26.55 45.46
N GLY A 87 2.12 26.21 44.30
CA GLY A 87 2.67 27.20 43.38
C GLY A 87 4.09 27.60 43.73
N THR A 88 4.75 26.75 44.50
CA THR A 88 6.09 27.05 44.98
C THR A 88 7.16 26.57 44.00
N LYS A 89 6.94 25.40 43.39
CA LYS A 89 7.91 24.88 42.45
C LYS A 89 7.26 24.05 41.33
N LYS A 90 7.98 23.94 40.21
CA LYS A 90 7.54 23.12 39.10
C LYS A 90 7.94 21.68 39.38
N ILE A 91 6.98 20.76 39.27
CA ILE A 91 7.23 19.33 39.45
C ILE A 91 6.66 18.49 38.30
N TRP A 92 7.08 17.23 38.26
CA TRP A 92 6.67 16.31 37.21
C TRP A 92 5.30 15.68 37.49
N ARG A 93 5.02 15.41 38.76
CA ARG A 93 3.77 14.75 39.13
C ARG A 93 2.55 15.59 38.74
N CYS A 94 1.58 14.94 38.09
CA CYS A 94 0.31 15.55 37.69
C CYS A 94 -0.86 15.13 38.53
N GLU A 95 -1.65 16.09 38.99
CA GLU A 95 -2.91 15.78 39.64
C GLU A 95 -3.91 15.43 38.53
N SER A 96 -4.57 14.26 38.62
CA SER A 96 -5.55 13.89 37.61
C SER A 96 -6.50 12.80 38.09
N ASN A 97 -7.58 13.19 38.78
CA ASN A 97 -8.54 12.24 39.33
C ASN A 97 -9.55 11.73 38.32
N ARG A 98 -9.93 10.47 38.48
CA ARG A 98 -10.77 9.78 37.52
C ARG A 98 -12.20 9.60 38.03
N SER A 99 -13.14 9.81 37.13
CA SER A 99 -14.55 9.56 37.39
C SER A 99 -15.18 9.26 36.04
N HIS A 100 -16.49 9.04 36.03
CA HIS A 100 -17.21 8.79 34.79
C HIS A 100 -18.32 9.81 34.58
N THR A 101 -18.66 10.07 33.33
CA THR A 101 -19.88 10.82 33.03
C THR A 101 -20.41 10.31 31.70
N THR A 102 -21.40 11.02 31.13
CA THR A 102 -21.94 10.72 29.82
C THR A 102 -21.60 11.84 28.82
N ILE A 103 -21.78 11.56 27.54
CA ILE A 103 -21.53 12.55 26.51
C ILE A 103 -22.45 13.75 26.72
N ALA A 104 -23.72 13.50 26.97
CA ALA A 104 -24.67 14.59 27.18
C ALA A 104 -24.22 15.49 28.32
N LYS A 105 -23.79 14.88 29.42
CA LYS A 105 -23.42 15.66 30.58
C LYS A 105 -22.12 16.40 30.33
N TYR A 106 -21.15 15.75 29.69
CA TYR A 106 -19.88 16.46 29.45
C TYR A 106 -20.10 17.61 28.45
N ALA A 107 -20.88 17.34 27.41
CA ALA A 107 -21.22 18.37 26.40
C ALA A 107 -21.74 19.66 27.04
N GLN A 108 -22.57 19.49 28.06
CA GLN A 108 -23.14 20.61 28.80
C GLN A 108 -22.06 21.42 29.47
N TYR A 109 -21.10 20.70 30.05
CA TYR A 109 -19.98 21.34 30.72
C TYR A 109 -19.05 22.04 29.72
N GLN A 110 -18.77 21.35 28.61
CA GLN A 110 -17.94 21.92 27.56
C GLN A 110 -18.54 23.25 27.08
N ALA A 111 -19.84 23.25 26.80
CA ALA A 111 -20.51 24.47 26.33
C ALA A 111 -20.55 25.57 27.38
N SER A 112 -20.93 25.25 28.62
CA SER A 112 -21.03 26.29 29.64
C SER A 112 -19.64 26.83 30.00
N SER A 113 -18.63 25.98 29.86
CA SER A 113 -17.24 26.40 30.09
C SER A 113 -16.86 27.55 29.13
N PHE A 114 -17.25 27.40 27.88
CA PHE A 114 -16.97 28.43 26.88
C PHE A 114 -17.81 29.68 27.15
N GLN A 115 -19.10 29.49 27.41
CA GLN A 115 -19.98 30.61 27.70
C GLN A 115 -19.43 31.42 28.87
N GLU A 116 -18.94 30.71 29.89
CA GLU A 116 -18.38 31.34 31.07
C GLU A 116 -17.09 32.14 30.80
N SER A 117 -16.24 31.62 29.92
CA SER A 117 -15.00 32.34 29.57
C SER A 117 -15.30 33.58 28.73
N LEU A 118 -16.34 33.50 27.90
CA LEU A 118 -16.78 34.67 27.14
C LEU A 118 -17.17 35.82 28.09
N ARG A 119 -17.87 35.47 29.15
CA ARG A 119 -18.31 36.43 30.14
C ARG A 119 -17.19 37.04 30.97
N GLU A 120 -16.20 36.23 31.32
CA GLU A 120 -15.07 36.74 32.06
C GLU A 120 -14.30 37.70 31.19
N GLU A 121 -14.13 37.33 29.93
CA GLU A 121 -13.45 38.18 28.94
C GLU A 121 -14.18 39.52 28.80
N ASN A 122 -15.45 39.55 29.21
CA ASN A 122 -16.22 40.79 29.19
C ASN A 122 -16.45 41.40 30.59
N GLU A 123 -15.70 40.93 31.59
CA GLU A 123 -15.88 41.45 32.94
C GLU A 123 -15.13 42.77 33.10
N LYS A 147 2.66 30.77 39.50
CA LYS A 147 2.15 30.31 40.80
C LYS A 147 0.63 30.43 40.86
N GLY A 148 0.03 29.79 41.85
CA GLY A 148 -1.42 29.67 41.88
C GLY A 148 -2.18 30.82 42.51
N PRO A 149 -3.35 30.51 43.12
CA PRO A 149 -3.93 29.15 43.12
C PRO A 149 -4.54 28.80 41.77
N PHE A 150 -4.71 27.51 41.49
CA PHE A 150 -5.18 27.05 40.18
C PHE A 150 -6.64 26.61 40.15
N LYS A 151 -7.28 26.86 39.02
CA LYS A 151 -8.64 26.42 38.78
C LYS A 151 -8.67 24.93 38.41
N THR A 152 -9.80 24.29 38.66
CA THR A 152 -10.02 22.89 38.32
C THR A 152 -10.79 22.79 37.00
N ILE A 153 -10.37 21.88 36.13
CA ILE A 153 -11.08 21.60 34.89
C ILE A 153 -11.36 20.10 34.71
N LYS A 154 -12.22 19.78 33.76
CA LYS A 154 -12.55 18.39 33.48
C LYS A 154 -12.27 18.09 32.01
N PHE A 155 -11.70 16.91 31.78
CA PHE A 155 -11.23 16.47 30.47
C PHE A 155 -11.95 15.17 30.15
N GLY A 156 -12.71 15.14 29.05
CA GLY A 156 -13.42 13.92 28.70
C GLY A 156 -12.54 13.02 27.83
N THR A 157 -12.13 11.87 28.35
CA THR A 157 -11.18 11.02 27.64
C THR A 157 -11.71 9.63 27.33
N ASN A 158 -11.00 8.94 26.44
CA ASN A 158 -11.20 7.52 26.16
C ASN A 158 -12.65 7.14 25.87
N ILE A 159 -13.33 7.96 25.06
CA ILE A 159 -14.70 7.65 24.66
C ILE A 159 -14.66 6.59 23.57
N ASP A 160 -15.35 5.48 23.81
CA ASP A 160 -15.22 4.28 23.00
C ASP A 160 -16.14 4.31 21.79
N LEU A 161 -15.54 4.44 20.60
CA LEU A 161 -16.29 4.46 19.34
C LEU A 161 -16.15 3.16 18.53
N SER A 162 -16.13 2.02 19.20
CA SER A 162 -15.96 0.73 18.52
C SER A 162 -17.23 0.19 17.90
N ASP A 163 -18.39 0.56 18.45
CA ASP A 163 -19.63 -0.09 18.01
C ASP A 163 -20.08 0.49 16.65
N ASN A 164 -19.93 -0.30 15.59
CA ASN A 164 -20.29 0.15 14.24
C ASN A 164 -21.79 0.46 14.07
N LYS A 165 -22.64 -0.04 14.95
CA LYS A 165 -24.06 0.27 14.87
C LYS A 165 -24.34 1.66 15.45
N LYS A 166 -23.67 2.00 16.54
CA LYS A 166 -23.87 3.30 17.20
C LYS A 166 -23.17 4.45 16.48
N TRP A 167 -22.13 4.12 15.72
CA TRP A 167 -21.26 5.13 15.14
C TRP A 167 -21.02 4.93 13.65
N LYS A 168 -22.05 4.43 12.96
CA LYS A 168 -21.93 4.05 11.56
C LYS A 168 -21.38 5.14 10.66
N LEU A 169 -21.93 6.35 10.75
CA LEU A 169 -21.50 7.43 9.85
C LEU A 169 -20.11 7.92 10.20
N GLN A 170 -19.82 7.94 11.50
CA GLN A 170 -18.52 8.41 11.96
C GLN A 170 -17.40 7.53 11.45
N LEU A 171 -17.55 6.22 11.62
CA LEU A 171 -16.51 5.29 11.25
C LEU A 171 -16.40 5.22 9.74
N HIS A 172 -17.52 5.37 9.03
CA HIS A 172 -17.48 5.32 7.56
C HIS A 172 -16.65 6.49 7.00
N GLU A 173 -16.73 7.65 7.62
CA GLU A 173 -15.97 8.84 7.16
C GLU A 173 -14.45 8.60 7.23
N LEU A 174 -14.03 7.84 8.22
CA LEU A 174 -12.60 7.59 8.42
C LEU A 174 -12.04 6.59 7.41
N THR A 175 -12.91 5.93 6.65
CA THR A 175 -12.42 5.04 5.58
C THR A 175 -12.00 5.90 4.39
N LYS A 176 -12.25 7.21 4.44
CA LYS A 176 -11.79 8.07 3.38
C LYS A 176 -10.29 8.35 3.46
N LEU A 177 -9.66 8.01 4.59
CA LEU A 177 -8.21 8.25 4.75
C LEU A 177 -7.35 7.37 3.83
N PRO A 178 -6.10 7.80 3.52
CA PRO A 178 -5.20 6.88 2.81
C PRO A 178 -4.99 5.60 3.64
N ALA A 179 -4.75 4.48 2.97
CA ALA A 179 -4.74 3.17 3.59
C ALA A 179 -3.83 3.10 4.81
N PHE A 180 -2.67 3.73 4.72
CA PHE A 180 -1.68 3.53 5.78
C PHE A 180 -2.14 4.12 7.13
N ALA A 181 -3.06 5.09 7.08
CA ALA A 181 -3.55 5.75 8.30
C ALA A 181 -4.90 5.24 8.78
N ARG A 182 -5.48 4.28 8.07
CA ARG A 182 -6.81 3.75 8.45
C ARG A 182 -6.80 2.91 9.73
N VAL A 183 -7.94 2.85 10.42
CA VAL A 183 -8.12 1.94 11.56
C VAL A 183 -7.92 0.47 11.11
N VAL A 184 -8.40 0.15 9.92
CA VAL A 184 -8.28 -1.18 9.35
C VAL A 184 -7.57 -1.18 7.98
N SER A 185 -6.47 -1.92 7.85
CA SER A 185 -5.88 -2.09 6.52
C SER A 185 -5.00 -3.33 6.49
N ALA A 186 -4.77 -3.83 5.28
CA ALA A 186 -3.99 -5.05 5.08
C ALA A 186 -2.56 -4.89 5.57
N GLY A 187 -2.03 -3.68 5.54
CA GLY A 187 -0.66 -3.46 5.99
C GLY A 187 -0.57 -2.96 7.43
N ASN A 188 -1.63 -3.14 8.20
CA ASN A 188 -1.66 -2.73 9.61
C ASN A 188 -1.53 -3.97 10.50
N LEU A 189 -0.41 -4.10 11.22
CA LEU A 189 -0.21 -5.22 12.14
C LEU A 189 -1.39 -5.43 13.09
N LEU A 190 -2.03 -4.35 13.53
CA LEU A 190 -3.18 -4.47 14.44
C LEU A 190 -4.42 -5.06 13.75
N THR A 191 -4.44 -4.97 12.43
CA THR A 191 -5.50 -5.65 11.69
C THR A 191 -5.21 -7.16 11.71
N HIS A 192 -3.92 -7.52 11.80
CA HIS A 192 -3.53 -8.93 11.79
C HIS A 192 -3.53 -9.61 13.15
N VAL A 193 -3.81 -8.85 14.21
CA VAL A 193 -4.04 -9.43 15.54
C VAL A 193 -5.23 -10.40 15.53
N GLY A 194 -6.26 -10.06 14.77
CA GLY A 194 -7.40 -10.95 14.58
C GLY A 194 -8.55 -10.78 15.55
N HIS A 195 -8.43 -9.78 16.42
CA HIS A 195 -9.49 -9.50 17.38
C HIS A 195 -9.33 -8.07 17.89
N THR A 196 -10.36 -7.58 18.57
CA THR A 196 -10.43 -6.19 19.03
C THR A 196 -9.46 -5.90 20.17
N ILE A 197 -8.70 -4.82 20.01
CA ILE A 197 -7.93 -4.23 21.09
C ILE A 197 -8.41 -2.81 21.27
N LEU A 198 -9.28 -2.62 22.26
CA LEU A 198 -9.99 -1.37 22.44
C LEU A 198 -9.09 -0.14 22.47
N GLY A 199 -9.38 0.82 21.59
CA GLY A 199 -8.63 2.07 21.55
C GLY A 199 -7.38 1.97 20.71
N MET A 200 -7.03 0.76 20.28
CA MET A 200 -5.88 0.63 19.38
C MET A 200 -6.35 0.32 17.96
N ASN A 201 -7.12 -0.76 17.76
CA ASN A 201 -7.74 -0.98 16.45
C ASN A 201 -9.24 -0.65 16.48
N THR A 202 -9.61 0.18 17.44
CA THR A 202 -10.91 0.84 17.44
C THR A 202 -10.66 2.29 17.79
N VAL A 203 -11.60 3.17 17.41
CA VAL A 203 -11.42 4.62 17.54
C VAL A 203 -11.76 5.12 18.95
N GLN A 204 -10.94 6.04 19.46
CA GLN A 204 -11.22 6.72 20.72
C GLN A 204 -11.53 8.17 20.49
N LEU A 205 -12.51 8.71 21.22
CA LEU A 205 -12.80 10.14 21.10
C LEU A 205 -12.49 10.85 22.42
N TYR A 206 -12.00 12.09 22.30
CA TYR A 206 -11.63 12.96 23.43
C TYR A 206 -12.42 14.26 23.31
N MET A 207 -13.05 14.69 24.40
CA MET A 207 -13.76 15.98 24.43
C MET A 207 -13.04 16.91 25.42
N LYS A 208 -12.68 18.11 24.97
CA LYS A 208 -11.78 18.94 25.75
C LYS A 208 -12.24 20.36 26.00
N VAL A 209 -11.67 20.95 27.06
CA VAL A 209 -11.73 22.38 27.32
C VAL A 209 -10.27 22.84 27.45
N PRO A 210 -10.01 24.16 27.34
CA PRO A 210 -8.64 24.66 27.47
C PRO A 210 -7.93 24.12 28.73
N GLY A 211 -6.71 23.62 28.52
CA GLY A 211 -5.92 23.07 29.59
C GLY A 211 -6.04 21.57 29.80
N SER A 212 -6.95 20.91 29.08
CA SER A 212 -7.11 19.46 29.15
C SER A 212 -5.80 18.77 28.75
N ARG A 213 -5.19 18.03 29.67
CA ARG A 213 -3.87 17.46 29.42
C ARG A 213 -3.86 15.96 29.34
N THR A 214 -3.20 15.47 28.30
CA THR A 214 -2.82 14.06 28.24
C THR A 214 -1.35 14.00 28.64
N PRO A 215 -1.05 13.46 29.83
CA PRO A 215 0.33 13.49 30.38
C PRO A 215 1.29 12.58 29.60
N GLY A 216 2.55 12.61 29.98
CA GLY A 216 3.60 11.93 29.24
C GLY A 216 3.42 10.44 29.10
N HIS A 217 3.68 9.92 27.89
CA HIS A 217 3.57 8.49 27.66
C HIS A 217 4.15 8.04 26.34
N GLN A 218 4.34 6.73 26.22
CA GLN A 218 4.52 6.09 24.94
C GLN A 218 3.22 5.32 24.69
N GLU A 219 2.93 5.03 23.43
CA GLU A 219 1.74 4.26 23.06
C GLU A 219 1.85 2.86 23.61
N ASN A 220 0.70 2.19 23.74
CA ASN A 220 0.67 0.78 24.13
C ASN A 220 1.57 -0.02 23.19
N ASN A 221 2.50 -0.77 23.79
CA ASN A 221 3.51 -1.57 23.07
C ASN A 221 4.21 -0.83 21.93
N ASN A 222 4.41 0.47 22.11
CA ASN A 222 5.13 1.34 21.19
C ASN A 222 4.56 1.35 19.76
N PHE A 223 3.26 1.17 19.61
CA PHE A 223 2.68 1.21 18.26
C PHE A 223 2.48 2.66 17.81
N CYS A 224 2.53 2.89 16.51
CA CYS A 224 2.29 4.24 16.00
C CYS A 224 0.87 4.68 16.37
N SER A 225 0.62 5.99 16.37
N SER A 225 0.64 5.99 16.31
CA SER A 225 -0.73 6.48 16.64
CA SER A 225 -0.67 6.55 16.63
C SER A 225 -1.11 7.59 15.65
C SER A 225 -1.10 7.61 15.62
N VAL A 226 -2.41 7.68 15.40
CA VAL A 226 -3.03 8.66 14.53
C VAL A 226 -3.94 9.51 15.43
N ASN A 227 -3.87 10.84 15.30
CA ASN A 227 -4.74 11.73 16.06
C ASN A 227 -5.25 12.85 15.14
N ILE A 228 -6.57 13.02 15.06
CA ILE A 228 -7.11 14.13 14.27
C ILE A 228 -7.89 15.09 15.17
N ASN A 229 -7.54 16.38 15.08
CA ASN A 229 -8.23 17.43 15.83
C ASN A 229 -9.50 17.82 15.08
N ILE A 230 -10.63 17.71 15.78
CA ILE A 230 -11.95 18.02 15.21
C ILE A 230 -12.19 19.53 15.22
N GLY A 231 -11.54 20.22 16.15
CA GLY A 231 -11.74 21.64 16.36
C GLY A 231 -12.92 21.92 17.30
N PRO A 232 -13.32 23.20 17.42
CA PRO A 232 -12.82 24.35 16.68
C PRO A 232 -11.47 24.89 17.21
N GLY A 233 -11.10 24.52 18.43
CA GLY A 233 -9.85 25.01 19.00
C GLY A 233 -8.63 24.17 18.65
N ASP A 234 -7.46 24.66 19.07
CA ASP A 234 -6.17 24.03 18.81
C ASP A 234 -5.68 23.16 19.98
N CYS A 235 -4.76 22.25 19.68
CA CYS A 235 -4.01 21.51 20.68
C CYS A 235 -2.53 21.81 20.53
N GLU A 236 -1.79 21.74 21.63
CA GLU A 236 -0.36 21.92 21.62
C GLU A 236 0.29 20.63 22.05
N TRP A 237 1.26 20.19 21.25
CA TRP A 237 1.93 18.90 21.40
C TRP A 237 3.39 19.09 21.77
N PHE A 238 3.90 18.19 22.60
CA PHE A 238 5.31 18.14 22.98
C PHE A 238 5.85 16.73 22.68
N VAL A 239 7.00 16.65 22.01
CA VAL A 239 7.45 15.35 21.50
C VAL A 239 8.93 15.15 21.73
N VAL A 240 9.27 13.94 22.16
CA VAL A 240 10.64 13.53 22.41
C VAL A 240 10.92 12.23 21.66
N PRO A 241 12.03 12.17 20.91
CA PRO A 241 12.32 10.97 20.12
C PRO A 241 12.44 9.72 21.00
N GLU A 242 12.14 8.58 20.40
CA GLU A 242 12.13 7.32 21.11
C GLU A 242 13.43 7.06 21.86
N ASP A 243 14.56 7.37 21.24
CA ASP A 243 15.82 6.91 21.84
C ASP A 243 16.23 7.72 23.08
N TYR A 244 15.42 8.71 23.46
CA TYR A 244 15.64 9.42 24.72
C TYR A 244 14.72 8.93 25.83
N TRP A 245 13.95 7.87 25.59
CA TRP A 245 12.93 7.50 26.57
C TRP A 245 13.52 7.06 27.91
N GLY A 246 14.69 6.42 27.88
CA GLY A 246 15.36 6.04 29.11
C GLY A 246 15.67 7.24 29.98
N VAL A 247 16.02 8.37 29.35
CA VAL A 247 16.30 9.59 30.08
C VAL A 247 15.07 10.05 30.84
N LEU A 248 13.90 9.94 30.21
CA LEU A 248 12.66 10.35 30.86
C LEU A 248 12.25 9.33 31.91
N ASN A 249 12.54 8.06 31.66
CA ASN A 249 12.32 7.02 32.66
C ASN A 249 13.13 7.27 33.94
N ASP A 250 14.38 7.67 33.77
CA ASP A 250 15.22 8.03 34.92
C ASP A 250 14.58 9.17 35.73
N PHE A 251 14.19 10.23 35.01
CA PHE A 251 13.56 11.39 35.66
C PHE A 251 12.34 11.00 36.48
N CYS A 252 11.51 10.11 35.95
CA CYS A 252 10.35 9.64 36.68
C CYS A 252 10.76 8.92 37.96
N GLU A 253 11.75 8.04 37.86
CA GLU A 253 12.19 7.26 39.00
C GLU A 253 12.81 8.15 40.07
N LYS A 254 13.47 9.24 39.64
CA LYS A 254 14.12 10.15 40.57
C LYS A 254 13.09 11.08 41.22
N ASN A 255 11.89 11.13 40.66
CA ASN A 255 10.81 11.95 41.23
C ASN A 255 9.75 11.04 41.81
N ASN A 256 10.13 9.79 42.06
CA ASN A 256 9.26 8.80 42.66
C ASN A 256 7.98 8.64 41.84
N LEU A 257 8.14 8.49 40.54
CA LEU A 257 7.01 8.27 39.64
C LEU A 257 7.23 7.04 38.78
N ASN A 258 6.16 6.32 38.47
CA ASN A 258 6.21 5.22 37.53
C ASN A 258 5.98 5.72 36.11
N PHE A 259 7.01 5.59 35.27
CA PHE A 259 7.01 6.07 33.89
C PHE A 259 5.79 5.55 33.12
N LEU A 260 5.48 4.27 33.33
CA LEU A 260 4.37 3.62 32.64
C LEU A 260 2.99 3.88 33.27
N MET A 261 2.93 4.09 34.59
CA MET A 261 1.63 4.09 35.24
C MET A 261 1.24 5.41 35.90
N SER A 262 2.22 6.26 36.18
CA SER A 262 1.96 7.56 36.82
C SER A 262 1.56 8.64 35.80
N SER A 263 0.87 9.68 36.27
CA SER A 263 0.61 10.87 35.47
C SER A 263 1.72 11.90 35.68
N TRP A 264 2.48 12.16 34.63
CA TRP A 264 3.60 13.10 34.73
C TRP A 264 3.67 14.06 33.54
N TRP A 265 4.16 15.27 33.83
CA TRP A 265 4.27 16.34 32.85
C TRP A 265 5.68 16.93 32.96
N PRO A 266 6.56 16.60 32.01
CA PRO A 266 7.98 16.99 32.08
C PRO A 266 8.22 18.47 32.30
N ASN A 267 9.20 18.79 33.14
CA ASN A 267 9.70 20.14 33.25
C ASN A 267 10.66 20.42 32.09
N LEU A 268 10.29 21.35 31.21
CA LEU A 268 11.09 21.60 30.02
C LEU A 268 12.50 22.05 30.34
N GLU A 269 12.66 22.73 31.46
CA GLU A 269 13.97 23.22 31.86
C GLU A 269 14.84 22.04 32.29
N ASP A 270 14.25 21.04 32.92
CA ASP A 270 14.95 19.78 33.20
C ASP A 270 15.39 19.06 31.91
N LEU A 271 14.51 18.96 30.93
CA LEU A 271 14.86 18.23 29.70
C LEU A 271 15.96 18.95 28.94
N TYR A 272 15.86 20.27 28.92
CA TYR A 272 16.87 21.11 28.26
C TYR A 272 18.22 20.91 28.93
N GLU A 273 18.22 20.97 30.26
CA GLU A 273 19.43 20.74 31.03
C GLU A 273 20.07 19.41 30.68
N ALA A 274 19.25 18.37 30.52
CA ALA A 274 19.76 17.03 30.26
C ALA A 274 19.99 16.77 28.77
N ASN A 275 19.95 17.84 27.97
CA ASN A 275 20.13 17.80 26.52
C ASN A 275 19.16 16.88 25.76
N VAL A 276 17.90 16.89 26.16
CA VAL A 276 16.85 16.14 25.45
C VAL A 276 16.15 17.11 24.50
N PRO A 277 16.19 16.79 23.21
CA PRO A 277 15.53 17.66 22.24
C PRO A 277 14.01 17.47 22.36
N VAL A 278 13.28 18.58 22.28
CA VAL A 278 11.83 18.59 22.41
C VAL A 278 11.25 19.26 21.17
N TYR A 279 10.45 18.50 20.44
CA TYR A 279 9.68 19.02 19.29
C TYR A 279 8.41 19.59 19.87
N ARG A 280 8.03 20.77 19.43
CA ARG A 280 6.85 21.44 19.95
C ARG A 280 6.03 22.03 18.81
N PHE A 281 4.71 21.84 18.80
CA PHE A 281 3.92 22.34 17.67
C PHE A 281 2.45 22.45 18.02
N ILE A 282 1.71 23.14 17.14
CA ILE A 282 0.27 23.32 17.25
C ILE A 282 -0.46 22.45 16.24
N GLN A 283 -1.43 21.68 16.73
CA GLN A 283 -2.35 20.89 15.87
C GLN A 283 -3.64 21.65 15.70
N ARG A 284 -3.94 22.07 14.48
CA ARG A 284 -5.13 22.86 14.21
C ARG A 284 -6.26 21.91 13.80
N PRO A 285 -7.51 22.39 13.81
CA PRO A 285 -8.61 21.53 13.37
C PRO A 285 -8.35 20.98 11.97
N GLY A 286 -8.54 19.68 11.80
CA GLY A 286 -8.30 19.02 10.53
C GLY A 286 -6.87 18.54 10.33
N ASP A 287 -5.95 18.95 11.21
CA ASP A 287 -4.58 18.44 11.13
C ASP A 287 -4.50 17.01 11.69
N LEU A 288 -3.79 16.15 10.99
CA LEU A 288 -3.56 14.78 11.49
C LEU A 288 -2.16 14.66 12.04
N VAL A 289 -2.03 14.18 13.28
CA VAL A 289 -0.71 13.98 13.90
C VAL A 289 -0.37 12.49 13.88
N TRP A 290 0.74 12.16 13.23
CA TRP A 290 1.26 10.79 13.21
C TRP A 290 2.40 10.70 14.21
N ILE A 291 2.22 9.90 15.25
CA ILE A 291 3.27 9.64 16.25
C ILE A 291 3.97 8.34 15.89
N ASN A 292 5.26 8.44 15.57
CA ASN A 292 5.96 7.23 15.18
C ASN A 292 6.21 6.32 16.37
N ALA A 293 6.66 5.09 16.10
CA ALA A 293 6.77 4.04 17.11
C ALA A 293 7.67 4.42 18.27
N GLY A 294 7.15 4.34 19.49
CA GLY A 294 7.92 4.65 20.70
C GLY A 294 8.19 6.12 21.00
N THR A 295 7.74 7.03 20.14
CA THR A 295 7.95 8.46 20.38
C THR A 295 7.27 8.90 21.68
N VAL A 296 7.99 9.60 22.54
CA VAL A 296 7.41 10.00 23.84
C VAL A 296 6.68 11.33 23.68
N HIS A 297 5.50 11.50 24.27
CA HIS A 297 4.76 12.73 23.98
C HIS A 297 3.72 13.08 25.06
N TRP A 298 3.36 14.37 25.14
CA TRP A 298 2.29 14.83 26.05
C TRP A 298 1.58 16.03 25.39
N VAL A 299 0.31 16.24 25.70
CA VAL A 299 -0.50 17.13 24.87
C VAL A 299 -1.47 17.93 25.74
N GLN A 300 -1.74 19.19 25.36
CA GLN A 300 -2.78 19.97 26.03
C GLN A 300 -3.69 20.72 25.05
N ALA A 301 -4.96 20.86 25.40
CA ALA A 301 -5.84 21.69 24.60
C ALA A 301 -5.51 23.14 24.85
N VAL A 302 -5.43 23.92 23.76
CA VAL A 302 -5.26 25.36 23.86
C VAL A 302 -6.65 25.99 23.85
N GLY A 303 -7.55 25.43 23.05
CA GLY A 303 -8.93 25.89 23.05
C GLY A 303 -9.97 24.83 23.38
N TRP A 304 -11.20 25.07 22.93
CA TRP A 304 -12.25 24.06 23.03
C TRP A 304 -12.26 23.19 21.76
N CYS A 305 -12.13 21.88 21.94
CA CYS A 305 -12.12 20.97 20.78
C CYS A 305 -12.37 19.51 21.14
N ASN A 306 -12.62 18.70 20.11
CA ASN A 306 -12.62 17.24 20.24
C ASN A 306 -11.42 16.69 19.42
N ASN A 307 -10.96 15.49 19.78
CA ASN A 307 -9.94 14.76 19.01
C ASN A 307 -10.39 13.32 18.84
N ILE A 308 -9.99 12.69 17.73
CA ILE A 308 -10.14 11.26 17.57
C ILE A 308 -8.79 10.60 17.38
N ALA A 309 -8.64 9.35 17.80
CA ALA A 309 -7.34 8.70 17.72
C ALA A 309 -7.43 7.21 17.72
N TRP A 310 -6.39 6.57 17.20
CA TRP A 310 -6.29 5.12 17.23
C TRP A 310 -4.85 4.79 16.96
N ASN A 311 -4.52 3.51 16.94
CA ASN A 311 -3.14 3.13 16.63
C ASN A 311 -3.03 2.43 15.30
N VAL A 312 -1.80 2.37 14.78
CA VAL A 312 -1.51 1.67 13.55
C VAL A 312 -0.13 1.03 13.72
N GLY A 313 0.04 -0.18 13.19
CA GLY A 313 1.32 -0.86 13.22
C GLY A 313 1.88 -1.12 11.82
N PRO A 314 2.74 -0.21 11.33
CA PRO A 314 3.35 -0.41 10.02
C PRO A 314 4.17 -1.69 9.99
N LEU A 315 4.23 -2.36 8.84
CA LEU A 315 5.06 -3.55 8.68
C LEU A 315 6.51 -3.18 8.45
N THR A 316 7.19 -2.73 9.50
CA THR A 316 8.60 -2.34 9.44
C THR A 316 9.39 -3.05 10.54
N ALA A 317 10.67 -3.25 10.30
CA ALA A 317 11.56 -3.81 11.34
C ALA A 317 11.52 -2.96 12.62
N CYS A 318 11.56 -1.64 12.44
CA CYS A 318 11.54 -0.73 13.58
C CYS A 318 10.29 -0.92 14.43
N GLN A 319 9.13 -0.99 13.78
CA GLN A 319 7.89 -1.13 14.55
C GLN A 319 7.87 -2.45 15.31
N TYR A 320 8.19 -3.54 14.63
CA TYR A 320 8.15 -4.85 15.26
C TYR A 320 9.17 -4.92 16.40
N LYS A 321 10.37 -4.39 16.18
CA LYS A 321 11.39 -4.40 17.22
C LYS A 321 10.97 -3.62 18.47
N LEU A 322 10.47 -2.40 18.30
CA LEU A 322 10.09 -1.59 19.47
C LEU A 322 8.89 -2.20 20.19
N ALA A 323 8.01 -2.84 19.44
CA ALA A 323 6.81 -3.51 19.98
C ALA A 323 7.18 -4.71 20.85
N VAL A 324 8.10 -5.52 20.35
CA VAL A 324 8.59 -6.65 21.13
C VAL A 324 9.32 -6.18 22.39
N GLU A 325 10.19 -5.17 22.25
CA GLU A 325 10.93 -4.61 23.40
C GLU A 325 10.03 -4.17 24.54
N ARG A 326 8.97 -3.44 24.19
CA ARG A 326 8.07 -2.93 25.21
C ARG A 326 7.25 -4.06 25.81
N TYR A 327 6.90 -5.04 24.98
CA TYR A 327 6.23 -6.24 25.46
C TYR A 327 7.03 -6.93 26.55
N GLU A 328 8.34 -7.04 26.36
CA GLU A 328 9.20 -7.68 27.37
C GLU A 328 9.46 -6.77 28.59
N TRP A 329 9.55 -5.46 28.35
CA TRP A 329 9.73 -4.50 29.43
C TRP A 329 8.51 -4.48 30.33
N ASN A 330 7.32 -4.57 29.72
CA ASN A 330 6.10 -4.63 30.50
C ASN A 330 6.07 -5.81 31.48
N LYS A 331 6.61 -6.96 31.08
CA LYS A 331 6.67 -8.11 32.00
C LYS A 331 7.49 -7.79 33.23
N LEU A 332 8.67 -7.21 33.02
CA LEU A 332 9.54 -6.84 34.13
C LEU A 332 8.89 -5.84 35.08
N LYS A 333 8.00 -5.01 34.55
CA LYS A 333 7.37 -3.95 35.34
C LYS A 333 5.98 -4.35 35.83
N SER A 334 5.60 -5.60 35.59
CA SER A 334 4.28 -6.10 36.01
C SER A 334 3.12 -5.33 35.41
N VAL A 335 3.26 -4.94 34.15
CA VAL A 335 2.25 -4.17 33.44
C VAL A 335 1.70 -4.99 32.28
N LYS A 336 0.38 -5.03 32.11
CA LYS A 336 -0.19 -5.84 31.03
C LYS A 336 0.07 -5.22 29.64
N SER A 337 0.44 -6.07 28.68
CA SER A 337 0.55 -5.68 27.28
C SER A 337 -0.78 -5.78 26.57
N PRO A 338 -1.31 -4.64 26.09
CA PRO A 338 -2.57 -4.72 25.34
C PRO A 338 -2.42 -5.49 24.03
N VAL A 339 -1.21 -5.50 23.46
CA VAL A 339 -1.01 -6.22 22.20
C VAL A 339 -0.33 -7.56 22.49
N PRO A 340 -1.00 -8.66 22.16
CA PRO A 340 -0.43 -9.98 22.47
C PRO A 340 0.61 -10.36 21.41
N MET A 341 1.87 -10.03 21.64
CA MET A 341 2.89 -10.16 20.59
C MET A 341 3.21 -11.59 20.16
N VAL A 342 2.93 -12.59 21.00
CA VAL A 342 3.13 -13.98 20.62
C VAL A 342 2.05 -14.39 19.61
N HIS A 343 0.81 -14.16 19.99
CA HIS A 343 -0.31 -14.39 19.10
C HIS A 343 -0.12 -13.68 17.72
N LEU A 344 0.27 -12.42 17.76
CA LEU A 344 0.48 -11.62 16.55
C LEU A 344 1.61 -12.20 15.69
N SER A 345 2.70 -12.58 16.33
CA SER A 345 3.82 -13.13 15.59
C SER A 345 3.40 -14.39 14.82
N TRP A 346 2.60 -15.27 15.43
CA TRP A 346 2.11 -16.46 14.70
C TRP A 346 1.14 -16.09 13.58
N ASN A 347 0.30 -15.09 13.80
CA ASN A 347 -0.59 -14.67 12.72
C ASN A 347 0.16 -14.09 11.53
N MET A 348 1.24 -13.32 11.79
CA MET A 348 2.08 -12.78 10.74
C MET A 348 2.70 -13.92 9.91
N ALA A 349 3.20 -14.94 10.60
CA ALA A 349 3.83 -16.07 9.93
C ALA A 349 2.80 -16.89 9.14
N ARG A 350 1.57 -16.95 9.65
CA ARG A 350 0.51 -17.70 8.99
C ARG A 350 0.00 -16.98 7.74
N ASN A 351 -0.15 -15.66 7.83
CA ASN A 351 -0.95 -14.92 6.87
C ASN A 351 -0.26 -13.80 6.07
N ILE A 352 0.97 -13.45 6.40
CA ILE A 352 1.64 -12.31 5.74
C ILE A 352 2.92 -12.73 5.05
N LYS A 353 3.07 -12.36 3.78
CA LYS A 353 4.34 -12.59 3.08
C LYS A 353 5.29 -11.43 3.40
N VAL A 354 6.41 -11.76 4.01
CA VAL A 354 7.34 -10.75 4.50
C VAL A 354 8.58 -10.69 3.62
N SER A 355 8.88 -9.50 3.09
CA SER A 355 9.94 -9.35 2.11
C SER A 355 11.10 -8.50 2.58
N ASP A 356 10.96 -7.84 3.73
CA ASP A 356 12.09 -7.12 4.31
C ASP A 356 12.93 -8.10 5.10
N PRO A 357 14.18 -8.28 4.68
CA PRO A 357 15.05 -9.25 5.34
C PRO A 357 15.18 -8.99 6.83
N LYS A 358 15.28 -7.72 7.22
CA LYS A 358 15.46 -7.39 8.64
C LYS A 358 14.21 -7.77 9.44
N LEU A 359 13.04 -7.36 8.97
CA LEU A 359 11.78 -7.69 9.66
C LEU A 359 11.59 -9.22 9.71
N PHE A 360 11.88 -9.88 8.60
CA PHE A 360 11.72 -11.33 8.53
C PHE A 360 12.59 -12.03 9.58
N GLU A 361 13.85 -11.62 9.69
CA GLU A 361 14.76 -12.26 10.65
C GLU A 361 14.30 -12.06 12.10
N MET A 362 13.73 -10.89 12.40
CA MET A 362 13.19 -10.64 13.74
C MET A 362 12.04 -11.58 14.08
N ILE A 363 11.09 -11.72 13.17
CA ILE A 363 9.91 -12.56 13.39
C ILE A 363 10.30 -14.02 13.50
N LYS A 364 11.14 -14.46 12.58
CA LYS A 364 11.65 -15.82 12.59
C LYS A 364 12.30 -16.14 13.92
N TYR A 365 13.13 -15.21 14.41
CA TYR A 365 13.85 -15.39 15.65
C TYR A 365 12.88 -15.55 16.84
N CYS A 366 11.90 -14.66 16.91
CA CYS A 366 10.93 -14.68 17.99
C CYS A 366 10.17 -16.01 17.98
N LEU A 367 9.72 -16.43 16.80
CA LEU A 367 8.96 -17.68 16.70
C LEU A 367 9.80 -18.86 17.16
N LEU A 368 11.08 -18.85 16.83
CA LEU A 368 11.96 -19.94 17.25
C LEU A 368 12.08 -19.97 18.78
N LYS A 369 12.14 -18.80 19.41
CA LYS A 369 12.12 -18.70 20.87
C LYS A 369 10.85 -19.29 21.47
N ILE A 370 9.71 -18.90 20.91
CA ILE A 370 8.42 -19.40 21.36
C ILE A 370 8.34 -20.91 21.24
N LEU A 371 8.78 -21.42 20.09
CA LEU A 371 8.74 -22.84 19.78
C LEU A 371 9.62 -23.63 20.78
N LYS A 372 10.85 -23.16 21.00
CA LYS A 372 11.77 -23.84 21.93
C LYS A 372 11.27 -23.82 23.38
N GLN A 373 10.72 -22.70 23.83
CA GLN A 373 10.22 -22.61 25.20
C GLN A 373 9.03 -23.54 25.39
N TYR A 374 8.14 -23.58 24.39
CA TYR A 374 6.97 -24.43 24.40
C TYR A 374 7.39 -25.91 24.44
N GLN A 375 8.36 -26.28 23.60
CA GLN A 375 8.87 -27.65 23.55
C GLN A 375 9.52 -28.04 24.87
N THR A 376 10.26 -27.12 25.48
CA THR A 376 10.89 -27.36 26.77
C THR A 376 9.87 -27.62 27.87
N LEU A 377 8.87 -26.73 27.95
CA LEU A 377 7.82 -26.86 28.96
C LEU A 377 7.03 -28.15 28.75
N ARG A 378 6.60 -28.37 27.50
CA ARG A 378 5.76 -29.52 27.17
C ARG A 378 6.44 -30.84 27.54
N GLU A 379 7.74 -30.96 27.26
CA GLU A 379 8.49 -32.18 27.61
C GLU A 379 8.74 -32.32 29.11
N ALA A 380 8.84 -31.20 29.83
CA ALA A 380 9.01 -31.25 31.28
C ALA A 380 7.73 -31.80 31.92
N LEU A 381 6.59 -31.31 31.43
CA LEU A 381 5.29 -31.82 31.87
C LEU A 381 5.13 -33.32 31.58
N VAL A 382 5.37 -33.74 30.34
CA VAL A 382 5.21 -35.14 29.97
C VAL A 382 6.13 -36.07 30.78
N ALA A 383 7.33 -35.59 31.08
CA ALA A 383 8.29 -36.36 31.85
C ALA A 383 7.87 -36.49 33.31
N ALA A 384 7.11 -35.53 33.81
CA ALA A 384 6.64 -35.57 35.19
C ALA A 384 5.28 -36.26 35.29
N GLY A 385 4.89 -36.94 34.20
CA GLY A 385 3.63 -37.67 34.15
C GLY A 385 2.35 -36.84 34.14
N LYS A 386 2.44 -35.60 33.70
CA LYS A 386 1.26 -34.73 33.63
C LYS A 386 0.60 -34.85 32.26
N GLU A 387 -0.71 -35.11 32.24
CA GLU A 387 -1.45 -35.23 30.99
C GLU A 387 -1.64 -33.88 30.28
N VAL A 388 -1.22 -33.84 29.02
CA VAL A 388 -1.53 -32.70 28.16
C VAL A 388 -2.83 -32.99 27.41
N ILE A 389 -3.88 -32.23 27.70
CA ILE A 389 -5.21 -32.47 27.14
C ILE A 389 -5.46 -31.68 25.85
N TRP A 390 -5.80 -32.40 24.77
CA TRP A 390 -6.10 -31.73 23.51
C TRP A 390 -7.36 -30.88 23.66
N HIS A 391 -7.23 -29.59 23.37
CA HIS A 391 -8.32 -28.64 23.62
C HIS A 391 -8.72 -27.88 22.36
N GLY A 392 -7.77 -27.69 21.45
CA GLY A 392 -8.03 -27.00 20.20
C GLY A 392 -8.46 -25.57 20.42
N ARG A 393 -9.10 -24.98 19.43
CA ARG A 393 -9.40 -23.56 19.51
C ARG A 393 -10.55 -23.16 18.60
N THR A 394 -11.37 -22.22 19.07
CA THR A 394 -12.43 -21.58 18.30
C THR A 394 -11.90 -20.60 17.26
N ASN A 395 -12.64 -20.43 16.17
CA ASN A 395 -12.25 -19.49 15.13
C ASN A 395 -12.32 -18.08 15.67
N ASP A 396 -11.34 -17.25 15.30
CA ASP A 396 -11.31 -15.84 15.72
C ASP A 396 -11.21 -15.65 17.24
N GLU A 397 -10.76 -16.69 17.93
CA GLU A 397 -10.59 -16.63 19.38
C GLU A 397 -9.39 -15.78 19.73
N PRO A 398 -9.57 -14.82 20.65
CA PRO A 398 -8.51 -13.90 21.08
C PRO A 398 -7.38 -14.62 21.80
N ALA A 399 -6.25 -13.93 21.94
CA ALA A 399 -5.14 -14.43 22.75
C ALA A 399 -5.53 -14.48 24.21
N HIS A 400 -4.84 -15.32 24.98
CA HIS A 400 -5.14 -15.48 26.39
C HIS A 400 -4.09 -14.80 27.27
N TYR A 401 -4.54 -14.26 28.40
CA TYR A 401 -3.63 -13.70 29.42
C TYR A 401 -3.87 -14.40 30.77
N CYS A 402 -2.83 -14.49 31.60
CA CYS A 402 -2.97 -15.11 32.92
C CYS A 402 -3.93 -14.35 33.86
N SER A 403 -4.89 -15.05 34.44
CA SER A 403 -5.88 -14.38 35.30
C SER A 403 -5.28 -13.78 36.58
N ILE A 404 -4.09 -14.24 36.94
CA ILE A 404 -3.44 -13.68 38.11
C ILE A 404 -2.46 -12.58 37.72
N CYS A 405 -1.46 -12.90 36.89
CA CYS A 405 -0.38 -11.95 36.65
C CYS A 405 -0.52 -11.19 35.33
N GLU A 406 -1.52 -11.57 34.54
CA GLU A 406 -1.83 -10.90 33.28
C GLU A 406 -0.78 -10.99 32.15
N VAL A 407 0.22 -11.87 32.28
CA VAL A 407 1.10 -12.20 31.15
C VAL A 407 0.34 -12.92 30.03
N GLU A 408 0.74 -12.74 28.77
CA GLU A 408 0.13 -13.52 27.68
C GLU A 408 0.42 -15.01 27.89
N VAL A 409 -0.57 -15.87 27.67
CA VAL A 409 -0.31 -17.30 27.75
C VAL A 409 -0.62 -17.92 26.38
N PHE A 410 0.35 -18.60 25.78
CA PHE A 410 0.14 -19.17 24.45
C PHE A 410 0.17 -20.70 24.43
N ASN A 411 -0.89 -21.25 23.83
CA ASN A 411 -1.04 -22.67 23.53
C ASN A 411 -1.31 -23.56 24.76
N LEU A 412 -0.32 -23.71 25.64
CA LEU A 412 -0.51 -24.51 26.85
C LEU A 412 -1.16 -23.65 27.91
N LEU A 413 -2.42 -23.95 28.21
CA LEU A 413 -3.20 -23.20 29.18
C LEU A 413 -3.34 -24.00 30.47
N PHE A 414 -3.18 -23.34 31.61
CA PHE A 414 -3.30 -24.01 32.91
C PHE A 414 -4.60 -23.60 33.58
N VAL A 415 -5.52 -24.55 33.68
CA VAL A 415 -6.86 -24.33 34.18
C VAL A 415 -7.13 -25.25 35.38
N THR A 416 -7.77 -24.74 36.45
CA THR A 416 -8.01 -25.58 37.62
C THR A 416 -8.92 -26.75 37.28
N ASN A 417 -8.81 -27.85 38.01
CA ASN A 417 -9.71 -28.99 37.81
C ASN A 417 -11.17 -28.56 37.83
N GLU A 418 -11.49 -27.65 38.73
CA GLU A 418 -12.86 -27.21 38.89
C GLU A 418 -13.30 -26.35 37.72
N SER A 419 -12.43 -25.43 37.29
CA SER A 419 -12.76 -24.55 36.16
C SER A 419 -12.90 -25.35 34.88
N ASN A 420 -12.09 -26.40 34.76
CA ASN A 420 -12.22 -27.34 33.65
C ASN A 420 -13.56 -28.02 33.65
N THR A 421 -13.90 -28.65 34.78
CA THR A 421 -15.17 -29.31 34.97
C THR A 421 -16.32 -28.37 34.61
N GLN A 422 -16.27 -27.14 35.13
CA GLN A 422 -17.33 -26.16 34.89
C GLN A 422 -17.28 -25.55 33.48
N LYS A 423 -16.23 -25.90 32.73
CA LYS A 423 -16.03 -25.42 31.35
C LYS A 423 -15.98 -23.90 31.30
N THR A 424 -15.47 -23.30 32.38
CA THR A 424 -15.23 -21.85 32.41
C THR A 424 -13.83 -21.56 31.92
N TYR A 425 -12.97 -22.57 31.96
CA TYR A 425 -11.63 -22.52 31.38
C TYR A 425 -10.87 -21.24 31.71
N ILE A 426 -10.76 -20.93 33.00
CA ILE A 426 -10.08 -19.73 33.49
C ILE A 426 -8.56 -19.89 33.43
N VAL A 427 -7.92 -19.09 32.56
CA VAL A 427 -6.52 -19.35 32.18
C VAL A 427 -5.50 -18.85 33.20
N HIS A 428 -4.53 -19.71 33.51
CA HIS A 428 -3.35 -19.32 34.26
C HIS A 428 -2.11 -19.60 33.42
N CYS A 429 -1.04 -18.83 33.65
CA CYS A 429 0.27 -19.22 33.15
C CYS A 429 0.83 -20.35 34.01
N HIS A 430 1.93 -20.97 33.55
CA HIS A 430 2.55 -22.08 34.23
C HIS A 430 3.07 -21.69 35.63
N ASP A 431 3.74 -20.54 35.72
CA ASP A 431 4.36 -20.11 36.98
C ASP A 431 3.30 -19.89 38.05
N CYS A 432 2.20 -19.25 37.67
CA CYS A 432 1.17 -18.92 38.63
C CYS A 432 0.44 -20.18 39.09
N ALA A 433 0.24 -21.11 38.17
CA ALA A 433 -0.33 -22.41 38.47
C ALA A 433 0.58 -23.17 39.45
N ARG A 434 1.88 -23.17 39.18
CA ARG A 434 2.85 -23.84 40.06
C ARG A 434 2.91 -23.24 41.45
N LYS A 435 2.87 -21.92 41.55
CA LYS A 435 2.91 -21.23 42.83
C LYS A 435 1.71 -21.60 43.71
N THR A 436 0.57 -21.85 43.08
CA THR A 436 -0.66 -22.27 43.75
C THR A 436 -0.63 -23.76 44.13
N SER A 437 -0.20 -24.59 43.18
CA SER A 437 -0.34 -26.04 43.28
C SER A 437 0.99 -26.67 42.88
N LYS A 438 1.78 -27.07 43.89
CA LYS A 438 3.19 -27.40 43.70
C LYS A 438 3.47 -28.42 42.60
N SER A 439 2.65 -29.47 42.48
CA SER A 439 2.88 -30.48 41.44
C SER A 439 1.83 -30.39 40.34
N LEU A 440 1.14 -29.25 40.29
CA LEU A 440 0.00 -29.01 39.41
C LEU A 440 -1.14 -29.99 39.61
N GLU A 441 -1.25 -30.54 40.82
CA GLU A 441 -2.32 -31.51 41.10
C GLU A 441 -3.70 -30.88 41.01
N ASN A 442 -3.76 -29.55 41.18
CA ASN A 442 -5.03 -28.83 41.11
C ASN A 442 -5.39 -28.34 39.69
N PHE A 443 -4.53 -28.63 38.72
CA PHE A 443 -4.69 -28.08 37.36
C PHE A 443 -4.72 -29.16 36.27
N VAL A 444 -5.43 -28.86 35.18
CA VAL A 444 -5.24 -29.62 33.95
C VAL A 444 -4.47 -28.73 32.96
N VAL A 445 -3.75 -29.37 32.06
CA VAL A 445 -3.00 -28.69 31.01
C VAL A 445 -3.74 -28.80 29.68
N LEU A 446 -4.25 -27.68 29.18
CA LEU A 446 -4.93 -27.67 27.89
C LEU A 446 -3.97 -27.22 26.79
N GLU A 447 -4.03 -27.90 25.65
CA GLU A 447 -3.18 -27.57 24.50
C GLU A 447 -4.06 -27.14 23.33
N GLN A 448 -3.79 -25.95 22.80
CA GLN A 448 -4.63 -25.37 21.76
C GLN A 448 -4.08 -25.59 20.35
N TYR A 449 -2.81 -25.91 20.25
CA TYR A 449 -2.21 -26.20 18.95
C TYR A 449 -1.33 -27.43 19.02
N LYS A 450 -1.48 -28.33 18.05
CA LYS A 450 -0.55 -29.44 17.91
C LYS A 450 0.83 -28.90 17.59
N MET A 451 1.86 -29.58 18.08
CA MET A 451 3.21 -29.11 17.87
C MET A 451 3.54 -29.18 16.38
N GLU A 452 2.99 -30.19 15.70
CA GLU A 452 3.25 -30.39 14.27
C GLU A 452 2.78 -29.20 13.45
N ASP A 453 1.64 -28.64 13.83
CA ASP A 453 1.05 -27.50 13.15
C ASP A 453 1.90 -26.24 13.32
N LEU A 454 2.43 -26.03 14.52
CA LEU A 454 3.29 -24.86 14.76
C LEU A 454 4.64 -25.02 14.07
N ILE A 455 5.18 -26.23 14.10
CA ILE A 455 6.46 -26.48 13.42
C ILE A 455 6.32 -26.23 11.93
N GLN A 456 5.19 -26.65 11.35
CA GLN A 456 4.93 -26.46 9.93
C GLN A 456 4.82 -24.98 9.57
N VAL A 457 4.06 -24.22 10.37
CA VAL A 457 3.91 -22.79 10.14
C VAL A 457 5.27 -22.11 10.17
N TYR A 458 6.11 -22.50 11.12
CA TYR A 458 7.45 -21.96 11.22
C TYR A 458 8.30 -22.35 10.01
N ASP A 459 8.23 -23.62 9.61
CA ASP A 459 9.04 -24.10 8.48
C ASP A 459 8.70 -23.41 7.18
N GLN A 460 7.41 -23.17 6.97
CA GLN A 460 6.93 -22.57 5.74
C GLN A 460 7.02 -21.05 5.73
N PHE A 461 7.46 -20.47 6.85
CA PHE A 461 7.61 -19.01 6.93
C PHE A 461 9.00 -18.66 6.42
N THR A 462 9.08 -18.24 5.16
CA THR A 462 10.35 -17.90 4.52
C THR A 462 10.30 -16.51 3.90
N LEU A 463 11.47 -15.96 3.63
CA LEU A 463 11.57 -14.61 3.07
C LEU A 463 11.01 -14.55 1.64
N ALA A 464 9.97 -13.75 1.46
CA ALA A 464 9.46 -13.48 0.13
C ALA A 464 10.40 -12.51 -0.61
N LEU A 465 10.45 -12.65 -1.93
CA LEU A 465 11.17 -11.71 -2.77
C LEU A 465 10.31 -10.50 -3.11
N SER A 466 10.84 -9.31 -2.82
CA SER A 466 10.23 -8.09 -3.36
C SER A 466 11.34 -7.20 -3.92
N LEU A 467 11.14 -6.62 -5.09
CA LEU A 467 12.15 -5.72 -5.67
C LEU A 467 12.05 -4.28 -5.15
N SER A 468 11.09 -4.02 -4.29
CA SER A 468 10.82 -2.65 -3.83
C SER A 468 11.90 -2.18 -2.85
N ASP B 5 -7.63 26.67 -17.32
CA ASP B 5 -7.90 26.01 -16.05
C ASP B 5 -6.80 24.99 -15.74
N LYS B 6 -6.37 24.94 -14.49
CA LYS B 6 -5.31 24.01 -14.11
C LYS B 6 -5.82 22.57 -14.12
N LEU B 7 -7.14 22.39 -14.12
CA LEU B 7 -7.77 21.08 -14.19
C LEU B 7 -8.10 20.70 -15.62
N ASN B 8 -7.87 21.62 -16.55
N ASN B 8 -7.85 21.62 -16.55
CA ASN B 8 -8.05 21.36 -17.97
CA ASN B 8 -8.05 21.40 -17.97
C ASN B 8 -6.84 21.82 -18.78
C ASN B 8 -6.82 21.89 -18.72
N PRO B 9 -5.66 21.24 -18.49
CA PRO B 9 -4.40 21.77 -19.02
C PRO B 9 -4.21 21.49 -20.51
N PRO B 10 -3.36 22.29 -21.17
CA PRO B 10 -2.98 22.07 -22.57
C PRO B 10 -2.19 20.79 -22.75
N THR B 11 -2.36 20.11 -23.88
CA THR B 11 -1.65 18.88 -24.13
C THR B 11 -0.27 19.19 -24.67
N PRO B 12 0.77 18.60 -24.05
CA PRO B 12 2.13 18.76 -24.58
C PRO B 12 2.16 18.26 -26.01
N SER B 13 2.49 19.17 -26.91
CA SER B 13 2.40 18.89 -28.33
C SER B 13 3.69 19.20 -29.08
N ILE B 14 3.91 18.46 -30.15
CA ILE B 14 5.04 18.70 -31.03
C ILE B 14 4.53 18.75 -32.46
N TYR B 15 4.83 19.84 -33.15
CA TYR B 15 4.35 20.08 -34.50
C TYR B 15 5.46 19.82 -35.53
N LEU B 16 5.34 18.73 -36.29
CA LEU B 16 6.35 18.35 -37.27
C LEU B 16 6.06 18.86 -38.67
N GLU B 17 7.11 19.33 -39.35
CA GLU B 17 7.01 19.79 -40.74
C GLU B 17 7.65 18.83 -41.74
N ASN B 18 8.78 18.21 -41.36
CA ASN B 18 9.53 17.37 -42.29
C ASN B 18 10.20 16.16 -41.61
N LYS B 19 10.85 15.32 -42.40
CA LYS B 19 11.51 14.12 -41.87
C LYS B 19 12.64 14.44 -40.90
N ARG B 20 13.33 15.56 -41.13
CA ARG B 20 14.45 15.97 -40.29
C ARG B 20 14.03 16.21 -38.84
N ASP B 21 12.89 16.88 -38.67
CA ASP B 21 12.37 17.22 -37.35
C ASP B 21 12.16 15.99 -36.46
N ALA B 22 11.67 14.91 -37.06
CA ALA B 22 11.31 13.70 -36.33
C ALA B 22 12.52 13.05 -35.67
N PHE B 23 13.71 13.31 -36.21
CA PHE B 23 14.91 12.69 -35.69
C PHE B 23 15.70 13.61 -34.79
N PHE B 24 15.20 14.84 -34.64
CA PHE B 24 15.79 15.81 -33.71
C PHE B 24 15.75 15.28 -32.28
N PRO B 25 16.92 15.12 -31.65
CA PRO B 25 17.07 14.57 -30.29
C PRO B 25 16.21 15.24 -29.19
N PRO B 26 15.98 16.58 -29.24
CA PRO B 26 15.09 17.08 -28.19
C PRO B 26 13.67 16.50 -28.28
N LEU B 27 13.30 15.91 -29.40
CA LEU B 27 12.00 15.25 -29.53
C LEU B 27 11.93 14.05 -28.58
N HIS B 28 12.98 13.25 -28.61
CA HIS B 28 13.11 12.09 -27.75
C HIS B 28 13.09 12.47 -26.26
N GLN B 29 13.75 13.57 -25.92
CA GLN B 29 13.88 14.00 -24.54
C GLN B 29 12.59 14.64 -24.02
N PHE B 30 11.89 15.34 -24.90
CA PHE B 30 10.57 15.90 -24.59
C PHE B 30 9.59 14.79 -24.21
N CYS B 31 9.57 13.74 -25.03
CA CYS B 31 8.64 12.62 -24.81
C CYS B 31 8.92 11.90 -23.48
N THR B 32 10.19 11.71 -23.12
CA THR B 32 10.51 10.92 -21.94
C THR B 32 10.58 11.73 -20.65
N ASN B 33 10.42 13.04 -20.77
CA ASN B 33 10.35 13.96 -19.63
C ASN B 33 9.11 13.65 -18.78
N PRO B 34 9.31 13.22 -17.52
CA PRO B 34 8.22 12.83 -16.62
C PRO B 34 7.20 13.96 -16.40
N LYS B 35 7.61 15.20 -16.66
CA LYS B 35 6.71 16.34 -16.53
C LYS B 35 5.62 16.36 -17.59
N ASN B 36 5.86 15.65 -18.70
CA ASN B 36 4.85 15.52 -19.75
C ASN B 36 4.18 14.14 -19.68
N PRO B 37 2.96 14.06 -19.13
CA PRO B 37 2.26 12.77 -18.96
C PRO B 37 1.94 12.09 -20.32
N VAL B 38 1.75 12.90 -21.35
CA VAL B 38 1.48 12.44 -22.70
C VAL B 38 2.08 13.47 -23.67
N THR B 39 2.55 13.03 -24.83
CA THR B 39 3.00 13.92 -25.90
C THR B 39 2.35 13.55 -27.23
N VAL B 40 1.70 14.50 -27.88
CA VAL B 40 1.13 14.22 -29.18
C VAL B 40 2.01 14.83 -30.26
N ILE B 41 2.54 13.96 -31.12
CA ILE B 41 3.41 14.37 -32.20
C ILE B 41 2.55 14.55 -33.45
N ARG B 42 2.19 15.79 -33.76
CA ARG B 42 1.27 16.11 -34.84
C ARG B 42 1.98 15.97 -36.18
N GLY B 43 1.33 15.33 -37.16
CA GLY B 43 1.86 15.26 -38.50
C GLY B 43 3.01 14.27 -38.66
N LEU B 44 3.14 13.36 -37.71
CA LEU B 44 4.27 12.43 -37.69
C LEU B 44 4.36 11.56 -38.94
N ALA B 45 3.26 10.94 -39.34
CA ALA B 45 3.27 10.01 -40.47
C ALA B 45 3.65 10.70 -41.79
N GLY B 46 3.04 11.85 -42.03
CA GLY B 46 3.32 12.64 -43.23
C GLY B 46 4.74 13.14 -43.27
N ALA B 47 5.23 13.62 -42.12
CA ALA B 47 6.62 14.06 -42.01
C ALA B 47 7.61 12.96 -42.38
N LEU B 48 7.30 11.72 -42.01
CA LEU B 48 8.19 10.59 -42.29
C LEU B 48 7.84 9.91 -43.61
N LYS B 49 6.77 10.37 -44.24
CA LYS B 49 6.20 9.72 -45.42
C LYS B 49 5.87 8.25 -45.15
N LEU B 50 5.22 8.01 -44.00
CA LEU B 50 4.72 6.69 -43.65
C LEU B 50 3.55 6.35 -44.55
N ASP B 51 3.54 5.15 -45.12
CA ASP B 51 2.38 4.72 -45.89
C ASP B 51 1.34 4.14 -44.95
N LEU B 52 0.39 4.96 -44.54
CA LEU B 52 -0.65 4.54 -43.61
C LEU B 52 -1.61 3.57 -44.29
N GLY B 53 -1.65 3.61 -45.62
CA GLY B 53 -2.53 2.75 -46.40
C GLY B 53 -2.27 1.27 -46.20
N LEU B 54 -1.05 0.95 -45.78
CA LEU B 54 -0.67 -0.42 -45.49
C LEU B 54 -1.48 -0.99 -44.32
N PHE B 55 -2.10 -0.11 -43.53
CA PHE B 55 -2.90 -0.51 -42.37
C PHE B 55 -4.36 -0.17 -42.57
N SER B 56 -4.75 0.20 -43.79
CA SER B 56 -6.16 0.43 -44.09
C SER B 56 -6.94 -0.88 -44.00
N THR B 57 -8.21 -0.78 -43.67
CA THR B 57 -9.03 -1.98 -43.57
C THR B 57 -8.98 -2.79 -44.87
N LYS B 58 -9.01 -2.11 -46.02
CA LYS B 58 -8.96 -2.77 -47.32
C LYS B 58 -7.71 -3.61 -47.47
N THR B 59 -6.58 -2.99 -47.15
CA THR B 59 -5.29 -3.67 -47.23
C THR B 59 -5.19 -4.84 -46.25
N LEU B 60 -5.73 -4.68 -45.04
CA LEU B 60 -5.68 -5.73 -44.03
C LEU B 60 -6.49 -6.95 -44.47
N VAL B 61 -7.67 -6.72 -45.02
CA VAL B 61 -8.51 -7.82 -45.52
C VAL B 61 -7.79 -8.65 -46.59
N GLU B 62 -7.15 -7.96 -47.53
CA GLU B 62 -6.44 -8.64 -48.61
C GLU B 62 -5.31 -9.50 -48.08
N ALA B 63 -4.57 -8.97 -47.10
CA ALA B 63 -3.37 -9.64 -46.60
C ALA B 63 -3.63 -10.89 -45.74
N ASN B 64 -4.62 -10.81 -44.84
CA ASN B 64 -4.88 -11.88 -43.88
C ASN B 64 -6.33 -11.87 -43.45
N ASN B 65 -7.23 -12.30 -44.33
CA ASN B 65 -8.65 -12.06 -44.07
C ASN B 65 -9.27 -12.88 -42.93
N GLU B 66 -8.68 -14.02 -42.56
CA GLU B 66 -9.23 -14.79 -41.43
C GLU B 66 -8.50 -14.54 -40.12
N HIS B 67 -7.72 -13.46 -40.05
CA HIS B 67 -6.91 -13.19 -38.85
C HIS B 67 -7.86 -12.89 -37.70
N MET B 68 -7.51 -13.37 -36.50
CA MET B 68 -8.41 -13.21 -35.36
C MET B 68 -8.51 -11.76 -34.92
N VAL B 69 -9.71 -11.39 -34.52
CA VAL B 69 -10.01 -10.10 -33.92
C VAL B 69 -10.71 -10.31 -32.60
N GLU B 70 -10.25 -9.66 -31.53
CA GLU B 70 -10.99 -9.66 -30.26
C GLU B 70 -12.03 -8.56 -30.27
N VAL B 71 -13.30 -8.93 -30.17
CA VAL B 71 -14.39 -7.99 -30.23
C VAL B 71 -14.82 -7.59 -28.84
N ARG B 72 -15.01 -6.30 -28.64
CA ARG B 72 -15.66 -5.77 -27.46
C ARG B 72 -17.00 -5.20 -27.90
N THR B 73 -18.09 -5.73 -27.34
CA THR B 73 -19.42 -5.23 -27.62
C THR B 73 -19.82 -4.25 -26.52
N GLN B 74 -20.16 -3.03 -26.95
CA GLN B 74 -20.38 -1.92 -26.03
C GLN B 74 -21.64 -1.14 -26.38
N LEU B 75 -22.07 -0.27 -25.47
CA LEU B 75 -23.14 0.67 -25.71
C LEU B 75 -22.56 1.98 -26.26
N LEU B 76 -23.26 2.58 -27.22
CA LEU B 76 -22.87 3.87 -27.76
C LEU B 76 -23.23 5.01 -26.81
N GLN B 77 -22.23 5.53 -26.10
CA GLN B 77 -22.44 6.58 -25.09
C GLN B 77 -22.29 7.97 -25.68
N PRO B 78 -23.00 8.96 -25.08
CA PRO B 78 -22.92 10.35 -25.56
C PRO B 78 -21.65 11.07 -25.15
N ALA B 79 -20.96 11.68 -26.12
CA ALA B 79 -19.84 12.58 -25.86
C ALA B 79 -18.78 11.94 -24.96
N ASP B 80 -18.59 12.50 -23.76
CA ASP B 80 -17.49 12.06 -22.89
C ASP B 80 -18.02 11.37 -21.64
N GLU B 81 -19.30 11.00 -21.68
CA GLU B 81 -20.01 10.48 -20.52
C GLU B 81 -20.15 8.98 -20.57
N ASN B 82 -20.49 8.40 -19.42
CA ASN B 82 -20.86 6.98 -19.35
C ASN B 82 -22.05 6.80 -18.42
N TRP B 83 -23.15 6.31 -18.96
CA TRP B 83 -24.41 6.14 -18.25
C TRP B 83 -24.68 4.67 -17.94
N ASP B 84 -25.36 4.39 -16.84
CA ASP B 84 -25.79 3.02 -16.58
C ASP B 84 -26.77 2.64 -17.70
N PRO B 85 -26.93 1.33 -17.98
CA PRO B 85 -27.72 0.89 -19.12
C PRO B 85 -29.12 1.50 -19.23
N THR B 86 -29.76 1.80 -18.10
CA THR B 86 -31.10 2.35 -18.09
C THR B 86 -31.12 3.83 -18.46
N GLY B 87 -29.95 4.47 -18.36
CA GLY B 87 -29.83 5.87 -18.72
C GLY B 87 -30.26 6.80 -17.59
N THR B 88 -30.25 6.29 -16.37
CA THR B 88 -30.73 7.02 -15.20
C THR B 88 -29.63 7.87 -14.56
N LYS B 89 -28.41 7.34 -14.50
CA LYS B 89 -27.33 8.10 -13.89
C LYS B 89 -25.97 7.82 -14.53
N LYS B 90 -25.04 8.75 -14.34
CA LYS B 90 -23.68 8.54 -14.81
C LYS B 90 -22.91 7.72 -13.78
N ILE B 91 -22.31 6.63 -14.24
CA ILE B 91 -21.49 5.75 -13.40
C ILE B 91 -20.18 5.44 -14.13
N TRP B 92 -19.20 4.90 -13.40
CA TRP B 92 -17.91 4.58 -14.00
C TRP B 92 -17.90 3.22 -14.69
N ARG B 93 -18.61 2.24 -14.12
CA ARG B 93 -18.58 0.89 -14.67
C ARG B 93 -19.12 0.87 -16.09
N CYS B 94 -18.37 0.33 -17.05
CA CYS B 94 -18.96 0.23 -18.37
C CYS B 94 -19.09 -1.22 -18.84
N GLU B 95 -20.24 -1.53 -19.41
CA GLU B 95 -20.53 -2.85 -19.98
C GLU B 95 -19.75 -3.11 -21.26
N SER B 96 -19.06 -4.26 -21.32
CA SER B 96 -18.30 -4.63 -22.51
C SER B 96 -18.00 -6.14 -22.59
N ASN B 97 -18.87 -6.87 -23.28
CA ASN B 97 -18.73 -8.32 -23.44
C ASN B 97 -17.71 -8.68 -24.51
N ARG B 98 -17.00 -9.78 -24.30
CA ARG B 98 -15.92 -10.20 -25.17
C ARG B 98 -16.30 -11.35 -26.09
N SER B 99 -15.86 -11.29 -27.33
CA SER B 99 -16.04 -12.37 -28.29
C SER B 99 -14.92 -12.32 -29.32
N HIS B 100 -14.96 -13.20 -30.30
CA HIS B 100 -13.97 -13.20 -31.36
C HIS B 100 -14.63 -13.07 -32.73
N THR B 101 -13.89 -12.49 -33.67
CA THR B 101 -14.28 -12.49 -35.08
C THR B 101 -13.02 -12.49 -35.93
N THR B 102 -13.18 -12.29 -37.24
CA THR B 102 -12.04 -12.20 -38.14
C THR B 102 -11.92 -10.80 -38.74
N ILE B 103 -10.78 -10.49 -39.32
CA ILE B 103 -10.61 -9.17 -39.96
C ILE B 103 -11.67 -8.98 -41.05
N ALA B 104 -11.87 -10.00 -41.88
CA ALA B 104 -12.85 -9.93 -42.97
C ALA B 104 -14.24 -9.59 -42.43
N LYS B 105 -14.63 -10.25 -41.35
CA LYS B 105 -15.97 -10.07 -40.79
C LYS B 105 -16.09 -8.72 -40.09
N TYR B 106 -15.04 -8.30 -39.36
CA TYR B 106 -15.16 -7.00 -38.70
C TYR B 106 -15.14 -5.93 -39.80
N ALA B 107 -14.26 -6.11 -40.79
CA ALA B 107 -14.16 -5.17 -41.92
C ALA B 107 -15.50 -4.93 -42.57
N GLN B 108 -16.28 -6.00 -42.69
CA GLN B 108 -17.64 -5.95 -43.24
C GLN B 108 -18.56 -5.11 -42.34
N TYR B 109 -18.40 -5.25 -41.03
CA TYR B 109 -19.19 -4.44 -40.08
C TYR B 109 -18.81 -2.94 -40.04
N GLN B 110 -17.52 -2.64 -40.08
CA GLN B 110 -17.02 -1.25 -40.12
C GLN B 110 -17.63 -0.45 -41.32
N ALA B 111 -17.61 -1.04 -42.52
CA ALA B 111 -18.14 -0.42 -43.76
C ALA B 111 -19.66 -0.23 -43.72
N SER B 112 -20.38 -1.28 -43.36
CA SER B 112 -21.85 -1.17 -43.34
C SER B 112 -22.29 -0.22 -42.24
N SER B 113 -21.48 -0.13 -41.21
CA SER B 113 -21.70 0.84 -40.14
C SER B 113 -21.72 2.27 -40.72
N PHE B 114 -20.74 2.55 -41.57
CA PHE B 114 -20.60 3.86 -42.21
C PHE B 114 -21.74 4.08 -43.20
N GLN B 115 -22.05 3.08 -44.00
CA GLN B 115 -23.17 3.16 -44.94
C GLN B 115 -24.48 3.48 -44.23
N GLU B 116 -24.70 2.85 -43.08
CA GLU B 116 -25.91 3.11 -42.32
C GLU B 116 -26.00 4.55 -41.80
N SER B 117 -24.90 5.13 -41.34
CA SER B 117 -24.95 6.51 -40.87
C SER B 117 -25.10 7.45 -42.05
N LEU B 118 -24.55 7.08 -43.21
CA LEU B 118 -24.77 7.85 -44.43
C LEU B 118 -26.26 7.94 -44.76
N ARG B 119 -26.98 6.83 -44.65
CA ARG B 119 -28.41 6.85 -44.97
C ARG B 119 -29.18 7.66 -43.93
N GLU B 120 -28.75 7.56 -42.67
CA GLU B 120 -29.39 8.31 -41.60
C GLU B 120 -29.22 9.81 -41.79
N GLU B 121 -28.00 10.22 -42.13
CA GLU B 121 -27.67 11.61 -42.39
C GLU B 121 -28.55 12.20 -43.49
N ASN B 122 -29.13 11.30 -44.28
CA ASN B 122 -30.04 11.65 -45.36
C ASN B 122 -31.51 11.35 -45.06
N GLU B 123 -31.86 11.24 -43.78
CA GLU B 123 -33.23 10.95 -43.37
C GLU B 123 -34.12 12.19 -43.44
N PHE B 150 -29.63 2.90 -25.53
CA PHE B 150 -28.39 3.13 -26.26
C PHE B 150 -28.22 2.10 -27.36
N LYS B 151 -27.57 2.50 -28.44
CA LYS B 151 -27.27 1.60 -29.54
C LYS B 151 -26.09 0.71 -29.14
N THR B 152 -26.03 -0.48 -29.71
CA THR B 152 -24.95 -1.40 -29.45
C THR B 152 -23.92 -1.27 -30.58
N ILE B 153 -22.64 -1.18 -30.24
CA ILE B 153 -21.57 -1.16 -31.26
C ILE B 153 -20.52 -2.22 -31.00
N LYS B 154 -19.66 -2.45 -31.99
CA LYS B 154 -18.59 -3.42 -31.86
C LYS B 154 -17.23 -2.82 -32.15
N PHE B 155 -16.26 -3.20 -31.33
CA PHE B 155 -14.92 -2.63 -31.34
C PHE B 155 -13.92 -3.78 -31.55
N GLY B 156 -13.14 -3.71 -32.62
CA GLY B 156 -12.16 -4.74 -32.92
C GLY B 156 -10.84 -4.38 -32.24
N THR B 157 -10.45 -5.18 -31.25
N THR B 157 -10.43 -5.19 -31.26
CA THR B 157 -9.28 -4.86 -30.43
CA THR B 157 -9.25 -4.82 -30.49
C THR B 157 -8.18 -5.92 -30.50
C THR B 157 -8.21 -5.92 -30.45
N ASN B 158 -7.00 -5.56 -30.05
CA ASN B 158 -5.91 -6.50 -29.82
C ASN B 158 -5.61 -7.43 -30.98
N ILE B 159 -5.65 -6.91 -32.20
CA ILE B 159 -5.35 -7.71 -33.38
C ILE B 159 -3.84 -7.87 -33.46
N ASP B 160 -3.38 -9.13 -33.48
CA ASP B 160 -1.96 -9.46 -33.29
C ASP B 160 -1.17 -9.41 -34.60
N LEU B 161 -0.30 -8.41 -34.69
CA LEU B 161 0.53 -8.23 -35.88
C LEU B 161 1.98 -8.64 -35.62
N SER B 162 2.19 -9.70 -34.84
CA SER B 162 3.55 -10.10 -34.50
C SER B 162 4.26 -10.91 -35.62
N ASP B 163 3.48 -11.59 -36.46
CA ASP B 163 4.08 -12.51 -37.45
C ASP B 163 4.66 -11.75 -38.66
N ASN B 164 5.99 -11.67 -38.72
CA ASN B 164 6.66 -10.94 -39.80
C ASN B 164 6.42 -11.53 -41.20
N LYS B 165 5.99 -12.78 -41.28
CA LYS B 165 5.70 -13.36 -42.57
C LYS B 165 4.34 -12.90 -43.08
N LYS B 166 3.36 -12.81 -42.17
CA LYS B 166 2.03 -12.38 -42.54
C LYS B 166 1.92 -10.87 -42.75
N TRP B 167 2.83 -10.14 -42.11
CA TRP B 167 2.74 -8.67 -42.03
C TRP B 167 4.06 -7.98 -42.38
N LYS B 168 4.80 -8.55 -43.34
CA LYS B 168 6.14 -8.07 -43.67
C LYS B 168 6.22 -6.58 -44.03
N LEU B 169 5.35 -6.11 -44.92
CA LEU B 169 5.40 -4.73 -45.38
C LEU B 169 4.95 -3.76 -44.29
N GLN B 170 3.96 -4.20 -43.50
CA GLN B 170 3.45 -3.36 -42.41
C GLN B 170 4.55 -3.09 -41.39
N LEU B 171 5.25 -4.13 -40.97
CA LEU B 171 6.25 -4.01 -39.93
C LEU B 171 7.47 -3.26 -40.44
N HIS B 172 7.81 -3.44 -41.72
CA HIS B 172 8.95 -2.74 -42.29
C HIS B 172 8.74 -1.23 -42.28
N GLU B 173 7.52 -0.80 -42.58
CA GLU B 173 7.20 0.61 -42.60
C GLU B 173 7.44 1.28 -41.26
N LEU B 174 7.23 0.54 -40.17
CA LEU B 174 7.39 1.09 -38.82
C LEU B 174 8.86 1.22 -38.42
N THR B 175 9.76 0.66 -39.22
CA THR B 175 11.18 0.82 -38.98
C THR B 175 11.69 2.20 -39.40
N LYS B 176 10.82 2.94 -40.08
CA LYS B 176 11.16 4.30 -40.48
C LYS B 176 11.06 5.29 -39.33
N LEU B 177 10.44 4.85 -38.24
CA LEU B 177 10.27 5.72 -37.08
C LEU B 177 11.61 6.02 -36.44
N PRO B 178 11.70 7.18 -35.75
CA PRO B 178 12.91 7.43 -34.96
C PRO B 178 13.09 6.34 -33.91
N ALA B 179 14.33 6.06 -33.57
CA ALA B 179 14.70 4.91 -32.76
C ALA B 179 13.91 4.80 -31.47
N PHE B 180 13.71 5.93 -30.79
CA PHE B 180 13.12 5.88 -29.46
C PHE B 180 11.67 5.39 -29.50
N ALA B 181 11.01 5.53 -30.65
CA ALA B 181 9.61 5.07 -30.75
C ALA B 181 9.46 3.72 -31.48
N ARG B 182 10.57 3.11 -31.89
CA ARG B 182 10.47 1.83 -32.60
C ARG B 182 10.10 0.65 -31.70
N VAL B 183 9.44 -0.35 -32.29
CA VAL B 183 9.13 -1.61 -31.63
C VAL B 183 10.39 -2.29 -31.13
N VAL B 184 11.44 -2.22 -31.94
CA VAL B 184 12.71 -2.84 -31.60
C VAL B 184 13.84 -1.80 -31.61
N SER B 185 14.53 -1.66 -30.49
CA SER B 185 15.73 -0.81 -30.48
C SER B 185 16.63 -1.14 -29.29
N ALA B 186 17.90 -0.76 -29.41
CA ALA B 186 18.90 -1.01 -28.37
C ALA B 186 18.58 -0.26 -27.08
N GLY B 187 17.86 0.86 -27.21
CA GLY B 187 17.49 1.66 -26.07
C GLY B 187 16.07 1.39 -25.55
N ASN B 188 15.52 0.26 -25.95
CA ASN B 188 14.19 -0.15 -25.50
C ASN B 188 14.34 -1.35 -24.56
N LEU B 189 14.05 -1.15 -23.27
CA LEU B 189 14.09 -2.24 -22.30
C LEU B 189 13.34 -3.49 -22.74
N LEU B 190 12.23 -3.32 -23.46
CA LEU B 190 11.42 -4.45 -23.90
C LEU B 190 12.12 -5.27 -24.96
N THR B 191 13.11 -4.67 -25.62
CA THR B 191 13.92 -5.42 -26.57
C THR B 191 14.92 -6.30 -25.80
N HIS B 192 15.27 -5.88 -24.58
CA HIS B 192 16.22 -6.62 -23.77
C HIS B 192 15.55 -7.72 -22.96
N VAL B 193 14.24 -7.81 -23.04
CA VAL B 193 13.55 -8.92 -22.42
C VAL B 193 14.06 -10.24 -23.00
N GLY B 194 14.31 -10.24 -24.30
CA GLY B 194 14.93 -11.38 -24.96
C GLY B 194 13.94 -12.38 -25.51
N HIS B 195 12.66 -12.08 -25.40
CA HIS B 195 11.61 -12.93 -25.94
C HIS B 195 10.33 -12.14 -26.11
N THR B 196 9.38 -12.69 -26.84
CA THR B 196 8.15 -11.98 -27.19
C THR B 196 7.19 -11.77 -26.00
N ILE B 197 6.73 -10.52 -25.84
CA ILE B 197 5.61 -10.19 -24.95
C ILE B 197 4.54 -9.59 -25.84
N LEU B 198 3.54 -10.41 -26.17
CA LEU B 198 2.54 -10.06 -27.17
C LEU B 198 1.87 -8.72 -26.88
N GLY B 199 1.91 -7.84 -27.85
CA GLY B 199 1.26 -6.56 -27.71
C GLY B 199 2.12 -5.52 -27.01
N MET B 200 3.27 -5.92 -26.47
CA MET B 200 4.19 -4.93 -25.89
C MET B 200 5.45 -4.74 -26.78
N ASN B 201 6.18 -5.81 -27.05
CA ASN B 201 7.25 -5.67 -28.03
C ASN B 201 6.85 -6.29 -29.36
N THR B 202 5.54 -6.39 -29.57
CA THR B 202 4.99 -6.67 -30.90
C THR B 202 3.78 -5.74 -31.10
N VAL B 203 3.43 -5.53 -32.35
CA VAL B 203 2.42 -4.55 -32.71
C VAL B 203 1.01 -5.12 -32.57
N GLN B 204 0.11 -4.30 -32.01
CA GLN B 204 -1.31 -4.60 -31.97
C GLN B 204 -2.07 -3.63 -32.86
N LEU B 205 -3.13 -4.11 -33.51
CA LEU B 205 -3.96 -3.23 -34.31
C LEU B 205 -5.38 -3.16 -33.74
N TYR B 206 -6.03 -2.01 -33.92
CA TYR B 206 -7.40 -1.78 -33.46
C TYR B 206 -8.23 -1.35 -34.66
N MET B 207 -9.42 -1.93 -34.83
CA MET B 207 -10.30 -1.49 -35.91
C MET B 207 -11.57 -0.91 -35.29
N LYS B 208 -11.93 0.33 -35.65
CA LYS B 208 -13.00 0.97 -34.86
C LYS B 208 -14.18 1.52 -35.66
N VAL B 209 -15.29 1.71 -34.94
CA VAL B 209 -16.41 2.53 -35.37
C VAL B 209 -16.64 3.65 -34.34
N PRO B 210 -17.39 4.73 -34.70
CA PRO B 210 -17.66 5.81 -33.75
C PRO B 210 -18.16 5.29 -32.40
N GLY B 211 -17.59 5.78 -31.31
CA GLY B 211 -17.97 5.33 -29.98
C GLY B 211 -17.16 4.15 -29.42
N SER B 212 -16.30 3.53 -30.25
CA SER B 212 -15.45 2.43 -29.78
C SER B 212 -14.49 2.88 -28.66
N ARG B 213 -14.65 2.33 -27.47
CA ARG B 213 -13.91 2.84 -26.30
C ARG B 213 -12.90 1.87 -25.70
N THR B 214 -11.71 2.38 -25.43
CA THR B 214 -10.75 1.71 -24.57
C THR B 214 -10.84 2.34 -23.18
N PRO B 215 -11.33 1.56 -22.19
CA PRO B 215 -11.62 2.08 -20.84
C PRO B 215 -10.33 2.44 -20.08
N GLY B 216 -10.50 3.01 -18.90
CA GLY B 216 -9.38 3.54 -18.13
C GLY B 216 -8.34 2.50 -17.76
N HIS B 217 -7.06 2.85 -17.91
CA HIS B 217 -6.03 1.91 -17.54
C HIS B 217 -4.67 2.59 -17.48
N GLN B 218 -3.72 1.89 -16.86
CA GLN B 218 -2.30 2.21 -17.07
C GLN B 218 -1.72 1.07 -17.91
N GLU B 219 -0.58 1.30 -18.56
CA GLU B 219 0.06 0.24 -19.35
C GLU B 219 0.53 -0.92 -18.47
N ASN B 220 0.68 -2.11 -19.08
CA ASN B 220 1.24 -3.28 -18.39
C ASN B 220 2.57 -2.88 -17.80
N ASN B 221 2.74 -3.15 -16.50
CA ASN B 221 3.94 -2.77 -15.74
C ASN B 221 4.41 -1.32 -15.98
N ASN B 222 3.44 -0.43 -16.22
CA ASN B 222 3.69 1.01 -16.39
C ASN B 222 4.71 1.36 -17.50
N PHE B 223 4.78 0.57 -18.56
CA PHE B 223 5.70 0.91 -19.66
C PHE B 223 5.12 1.99 -20.55
N CYS B 224 6.00 2.77 -21.15
CA CYS B 224 5.54 3.79 -22.09
C CYS B 224 4.82 3.11 -23.25
N SER B 225 4.01 3.91 -23.93
CA SER B 225 3.22 3.38 -25.04
C SER B 225 3.25 4.30 -26.28
N VAL B 226 3.13 3.69 -27.46
CA VAL B 226 3.09 4.43 -28.71
C VAL B 226 1.81 4.05 -29.44
N ASN B 227 1.10 5.04 -29.96
CA ASN B 227 -0.14 4.82 -30.69
C ASN B 227 -0.22 5.76 -31.90
N ILE B 228 -0.44 5.19 -33.08
CA ILE B 228 -0.62 5.95 -34.33
C ILE B 228 -2.00 5.76 -34.89
N ASN B 229 -2.70 6.86 -35.15
CA ASN B 229 -4.02 6.79 -35.77
C ASN B 229 -3.85 6.63 -37.28
N ILE B 230 -4.46 5.58 -37.84
CA ILE B 230 -4.40 5.30 -39.28
C ILE B 230 -5.45 6.15 -40.00
N GLY B 231 -6.49 6.53 -39.28
CA GLY B 231 -7.58 7.27 -39.88
C GLY B 231 -8.53 6.29 -40.56
N PRO B 232 -9.49 6.79 -41.35
CA PRO B 232 -9.67 8.21 -41.70
C PRO B 232 -10.29 9.11 -40.64
N GLY B 233 -10.95 8.56 -39.62
CA GLY B 233 -11.59 9.37 -38.59
C GLY B 233 -10.68 9.72 -37.41
N ASP B 234 -11.19 10.50 -36.46
CA ASP B 234 -10.38 10.94 -35.32
C ASP B 234 -10.62 10.07 -34.08
N CYS B 235 -9.68 10.11 -33.16
CA CYS B 235 -9.86 9.54 -31.82
C CYS B 235 -9.78 10.64 -30.77
N GLU B 236 -10.51 10.45 -29.67
CA GLU B 236 -10.42 11.41 -28.59
C GLU B 236 -9.82 10.76 -27.35
N TRP B 237 -8.84 11.45 -26.78
CA TRP B 237 -8.06 10.92 -25.67
C TRP B 237 -8.30 11.70 -24.39
N PHE B 238 -8.27 10.97 -23.28
CA PHE B 238 -8.35 11.52 -21.95
C PHE B 238 -7.15 11.01 -21.14
N VAL B 239 -6.45 11.92 -20.47
CA VAL B 239 -5.19 11.61 -19.81
C VAL B 239 -5.07 12.24 -18.41
N VAL B 240 -4.58 11.45 -17.45
CA VAL B 240 -4.33 11.89 -16.07
C VAL B 240 -2.88 11.50 -15.69
N PRO B 241 -2.09 12.44 -15.12
CA PRO B 241 -0.70 12.10 -14.81
C PRO B 241 -0.57 10.96 -13.81
N GLU B 242 0.55 10.26 -13.89
CA GLU B 242 0.80 9.09 -13.06
C GLU B 242 0.61 9.38 -11.56
N ASP B 243 1.02 10.56 -11.09
CA ASP B 243 1.02 10.77 -9.63
C ASP B 243 -0.40 10.92 -9.07
N TYR B 244 -1.40 10.90 -9.95
CA TYR B 244 -2.79 10.90 -9.50
C TYR B 244 -3.46 9.54 -9.50
N TRP B 245 -2.71 8.49 -9.83
CA TRP B 245 -3.38 7.20 -10.04
C TRP B 245 -4.00 6.68 -8.74
N GLY B 246 -3.41 6.99 -7.59
CA GLY B 246 -3.97 6.59 -6.30
C GLY B 246 -5.39 7.12 -6.07
N VAL B 247 -5.66 8.33 -6.57
CA VAL B 247 -6.99 8.94 -6.46
C VAL B 247 -8.03 8.14 -7.25
N LEU B 248 -7.65 7.71 -8.45
CA LEU B 248 -8.58 6.97 -9.29
C LEU B 248 -8.71 5.56 -8.73
N ASN B 249 -7.61 5.00 -8.23
CA ASN B 249 -7.69 3.71 -7.55
C ASN B 249 -8.64 3.78 -6.34
N ASP B 250 -8.55 4.87 -5.59
CA ASP B 250 -9.44 5.09 -4.43
C ASP B 250 -10.91 5.07 -4.83
N PHE B 251 -11.27 5.82 -5.89
CA PHE B 251 -12.66 5.81 -6.35
C PHE B 251 -13.13 4.41 -6.70
N CYS B 252 -12.29 3.67 -7.42
CA CYS B 252 -12.64 2.30 -7.79
C CYS B 252 -12.91 1.44 -6.57
N GLU B 253 -12.03 1.52 -5.57
CA GLU B 253 -12.15 0.66 -4.39
C GLU B 253 -13.43 0.97 -3.61
N LYS B 254 -13.84 2.23 -3.65
CA LYS B 254 -15.07 2.68 -2.96
C LYS B 254 -16.35 2.48 -3.76
N ASN B 255 -16.20 2.21 -5.05
CA ASN B 255 -17.36 1.97 -5.90
C ASN B 255 -17.40 0.56 -6.50
N ASN B 256 -16.77 -0.36 -5.78
CA ASN B 256 -16.79 -1.77 -6.13
C ASN B 256 -16.26 -2.08 -7.53
N LEU B 257 -15.12 -1.48 -7.85
CA LEU B 257 -14.45 -1.74 -9.11
C LEU B 257 -13.01 -2.16 -8.84
N ASN B 258 -12.51 -3.09 -9.65
CA ASN B 258 -11.11 -3.42 -9.61
C ASN B 258 -10.41 -2.51 -10.60
N PHE B 259 -9.51 -1.66 -10.08
CA PHE B 259 -8.82 -0.68 -10.90
C PHE B 259 -8.09 -1.34 -12.07
N LEU B 260 -7.38 -2.42 -11.77
CA LEU B 260 -6.52 -3.06 -12.77
C LEU B 260 -7.30 -3.95 -13.72
N MET B 261 -8.41 -4.51 -13.24
CA MET B 261 -9.08 -5.58 -13.97
C MET B 261 -10.51 -5.27 -14.45
N SER B 262 -11.16 -4.27 -13.88
CA SER B 262 -12.52 -3.89 -14.32
C SER B 262 -12.48 -2.91 -15.50
N SER B 263 -13.58 -2.86 -16.25
CA SER B 263 -13.78 -1.84 -17.28
C SER B 263 -14.49 -0.62 -16.68
N TRP B 264 -13.79 0.51 -16.64
CA TRP B 264 -14.38 1.74 -16.09
C TRP B 264 -14.08 2.96 -16.97
N TRP B 265 -15.02 3.90 -16.99
CA TRP B 265 -14.94 5.13 -17.78
C TRP B 265 -15.20 6.30 -16.84
N PRO B 266 -14.14 7.02 -16.44
CA PRO B 266 -14.32 8.06 -15.43
C PRO B 266 -15.36 9.13 -15.78
N ASN B 267 -16.17 9.48 -14.78
CA ASN B 267 -17.03 10.63 -14.85
C ASN B 267 -16.19 11.89 -14.63
N LEU B 268 -16.12 12.76 -15.62
CA LEU B 268 -15.25 13.94 -15.54
C LEU B 268 -15.61 14.87 -14.38
N GLU B 269 -16.89 14.86 -13.98
CA GLU B 269 -17.33 15.68 -12.86
C GLU B 269 -16.77 15.17 -11.54
N ASP B 270 -16.64 13.85 -11.40
CA ASP B 270 -16.00 13.27 -10.23
C ASP B 270 -14.52 13.67 -10.17
N LEU B 271 -13.83 13.61 -11.30
CA LEU B 271 -12.42 13.97 -11.33
C LEU B 271 -12.22 15.46 -11.04
N TYR B 272 -13.08 16.30 -11.60
CA TYR B 272 -13.02 17.74 -11.31
C TYR B 272 -13.26 18.00 -9.80
N GLU B 273 -14.29 17.37 -9.24
CA GLU B 273 -14.58 17.39 -7.80
C GLU B 273 -13.36 17.01 -6.95
N ALA B 274 -12.62 16.00 -7.40
CA ALA B 274 -11.46 15.49 -6.66
C ALA B 274 -10.16 16.22 -6.98
N ASN B 275 -10.25 17.34 -7.69
CA ASN B 275 -9.09 18.15 -8.09
C ASN B 275 -8.06 17.35 -8.92
N VAL B 276 -8.55 16.49 -9.81
CA VAL B 276 -7.66 15.73 -10.72
C VAL B 276 -7.65 16.39 -12.10
N PRO B 277 -6.49 16.82 -12.59
CA PRO B 277 -6.41 17.42 -13.92
C PRO B 277 -6.59 16.34 -15.00
N VAL B 278 -7.29 16.68 -16.08
CA VAL B 278 -7.54 15.76 -17.18
C VAL B 278 -7.01 16.43 -18.45
N TYR B 279 -6.03 15.82 -19.09
CA TYR B 279 -5.58 16.31 -20.38
C TYR B 279 -6.48 15.67 -21.44
N ARG B 280 -7.09 16.48 -22.32
CA ARG B 280 -7.96 15.90 -23.36
C ARG B 280 -7.63 16.52 -24.71
N PHE B 281 -7.58 15.67 -25.74
CA PHE B 281 -7.15 16.11 -27.06
C PHE B 281 -7.64 15.19 -28.17
N ILE B 282 -7.52 15.66 -29.40
CA ILE B 282 -7.94 14.91 -30.57
C ILE B 282 -6.71 14.37 -31.26
N GLN B 283 -6.71 13.06 -31.51
CA GLN B 283 -5.65 12.43 -32.28
C GLN B 283 -6.14 12.28 -33.72
N ARG B 284 -5.50 12.99 -34.65
CA ARG B 284 -5.91 12.94 -36.05
C ARG B 284 -5.10 11.88 -36.80
N PRO B 285 -5.58 11.49 -38.00
CA PRO B 285 -4.82 10.51 -38.77
C PRO B 285 -3.38 10.96 -39.00
N GLY B 286 -2.45 10.06 -38.74
CA GLY B 286 -1.03 10.37 -38.80
C GLY B 286 -0.43 10.95 -37.52
N ASP B 287 -1.27 11.31 -36.54
CA ASP B 287 -0.71 11.77 -35.26
C ASP B 287 -0.21 10.57 -34.42
N LEU B 288 0.97 10.72 -33.84
CA LEU B 288 1.53 9.71 -32.92
C LEU B 288 1.36 10.19 -31.48
N VAL B 289 0.72 9.35 -30.66
CA VAL B 289 0.52 9.65 -29.24
C VAL B 289 1.52 8.84 -28.42
N TRP B 290 2.35 9.56 -27.67
CA TRP B 290 3.30 8.95 -26.74
C TRP B 290 2.72 9.02 -25.33
N ILE B 291 2.44 7.87 -24.73
CA ILE B 291 1.96 7.77 -23.36
C ILE B 291 3.13 7.51 -22.42
N ASN B 292 3.42 8.46 -21.53
CA ASN B 292 4.56 8.31 -20.62
C ASN B 292 4.33 7.28 -19.53
N ALA B 293 5.37 6.91 -18.78
CA ALA B 293 5.27 5.81 -17.82
C ALA B 293 4.20 6.00 -16.73
N GLY B 294 3.27 5.04 -16.62
CA GLY B 294 2.26 5.12 -15.59
C GLY B 294 1.11 6.11 -15.80
N THR B 295 1.12 6.80 -16.94
CA THR B 295 0.05 7.75 -17.27
C THR B 295 -1.28 7.01 -17.40
N VAL B 296 -2.31 7.51 -16.73
CA VAL B 296 -3.63 6.89 -16.79
C VAL B 296 -4.43 7.48 -17.94
N HIS B 297 -5.13 6.64 -18.70
CA HIS B 297 -5.83 7.12 -19.88
C HIS B 297 -6.97 6.24 -20.35
N TRP B 298 -7.86 6.87 -21.11
CA TRP B 298 -8.96 6.19 -21.77
C TRP B 298 -9.24 6.91 -23.09
N VAL B 299 -9.78 6.17 -24.07
CA VAL B 299 -9.82 6.65 -25.43
C VAL B 299 -11.13 6.25 -26.08
N GLN B 300 -11.66 7.10 -26.95
CA GLN B 300 -12.79 6.71 -27.79
C GLN B 300 -12.56 7.15 -29.25
N ALA B 301 -13.09 6.34 -30.18
CA ALA B 301 -13.16 6.74 -31.59
C ALA B 301 -14.25 7.79 -31.79
N VAL B 302 -13.92 8.85 -32.54
CA VAL B 302 -14.88 9.87 -32.95
C VAL B 302 -15.47 9.51 -34.31
N GLY B 303 -14.65 8.95 -35.19
CA GLY B 303 -15.12 8.50 -36.48
C GLY B 303 -14.82 7.02 -36.69
N TRP B 304 -14.80 6.62 -37.97
CA TRP B 304 -14.35 5.29 -38.37
C TRP B 304 -12.85 5.36 -38.62
N CYS B 305 -12.09 4.51 -37.94
CA CYS B 305 -10.63 4.51 -38.08
C CYS B 305 -10.01 3.22 -37.57
N ASN B 306 -8.74 3.01 -37.91
CA ASN B 306 -7.91 1.97 -37.30
C ASN B 306 -6.81 2.65 -36.51
N ASN B 307 -6.26 1.95 -35.52
CA ASN B 307 -5.08 2.41 -34.78
C ASN B 307 -4.04 1.29 -34.65
N ILE B 308 -2.76 1.63 -34.58
CA ILE B 308 -1.73 0.64 -34.23
C ILE B 308 -1.00 1.07 -32.96
N ALA B 309 -0.52 0.09 -32.20
CA ALA B 309 0.13 0.44 -30.93
C ALA B 309 1.08 -0.63 -30.45
N TRP B 310 2.03 -0.22 -29.61
CA TRP B 310 2.94 -1.13 -28.95
C TRP B 310 3.50 -0.39 -27.76
N ASN B 311 4.33 -1.05 -26.98
CA ASN B 311 4.97 -0.42 -25.83
C ASN B 311 6.44 -0.20 -26.06
N VAL B 312 7.00 0.71 -25.26
CA VAL B 312 8.41 1.04 -25.28
C VAL B 312 8.87 1.32 -23.84
N GLY B 313 10.07 0.86 -23.48
CA GLY B 313 10.63 1.17 -22.19
C GLY B 313 11.93 1.98 -22.28
N PRO B 314 11.85 3.32 -22.15
CA PRO B 314 13.08 4.12 -22.16
C PRO B 314 14.03 3.69 -21.04
N LEU B 315 15.33 3.84 -21.29
CA LEU B 315 16.33 3.50 -20.29
C LEU B 315 16.46 4.61 -19.26
N THR B 316 15.46 4.78 -18.40
CA THR B 316 15.51 5.85 -17.42
C THR B 316 15.18 5.32 -16.04
N ALA B 317 15.68 6.00 -15.03
CA ALA B 317 15.36 5.68 -13.64
C ALA B 317 13.84 5.71 -13.43
N CYS B 318 13.17 6.72 -13.99
CA CYS B 318 11.72 6.85 -13.81
C CYS B 318 10.96 5.62 -14.36
N GLN B 319 11.33 5.18 -15.57
CA GLN B 319 10.69 4.02 -16.19
C GLN B 319 10.92 2.73 -15.40
N TYR B 320 12.17 2.49 -14.99
CA TYR B 320 12.49 1.28 -14.26
C TYR B 320 11.78 1.29 -12.91
N LYS B 321 11.80 2.45 -12.25
CA LYS B 321 11.16 2.58 -10.93
C LYS B 321 9.67 2.27 -11.03
N LEU B 322 8.97 2.88 -11.99
CA LEU B 322 7.52 2.67 -12.11
C LEU B 322 7.19 1.23 -12.54
N ALA B 323 8.04 0.62 -13.35
CA ALA B 323 7.82 -0.77 -13.74
C ALA B 323 7.97 -1.73 -12.54
N VAL B 324 9.00 -1.53 -11.72
CA VAL B 324 9.17 -2.33 -10.51
C VAL B 324 8.02 -2.12 -9.51
N GLU B 325 7.61 -0.87 -9.31
CA GLU B 325 6.48 -0.61 -8.42
C GLU B 325 5.23 -1.39 -8.83
N ARG B 326 4.89 -1.35 -10.11
CA ARG B 326 3.66 -2.01 -10.58
C ARG B 326 3.83 -3.55 -10.54
N TYR B 327 5.05 -4.03 -10.80
CA TYR B 327 5.42 -5.43 -10.65
C TYR B 327 5.14 -5.93 -9.22
N GLU B 328 5.50 -5.11 -8.23
CA GLU B 328 5.25 -5.48 -6.83
C GLU B 328 3.77 -5.31 -6.44
N TRP B 329 3.13 -4.28 -6.99
CA TRP B 329 1.70 -4.03 -6.76
C TRP B 329 0.82 -5.14 -7.35
N ASN B 330 1.18 -5.61 -8.54
CA ASN B 330 0.47 -6.73 -9.16
C ASN B 330 0.50 -8.00 -8.28
N LYS B 331 1.62 -8.24 -7.58
CA LYS B 331 1.67 -9.39 -6.68
C LYS B 331 0.61 -9.28 -5.57
N LEU B 332 0.54 -8.12 -4.94
CA LEU B 332 -0.44 -7.87 -3.88
C LEU B 332 -1.87 -8.02 -4.36
N LYS B 333 -2.08 -7.74 -5.64
CA LYS B 333 -3.43 -7.76 -6.22
C LYS B 333 -3.71 -9.06 -6.93
N SER B 334 -2.76 -10.00 -6.86
CA SER B 334 -2.88 -11.31 -7.48
C SER B 334 -3.08 -11.20 -8.98
N VAL B 335 -2.38 -10.27 -9.60
CA VAL B 335 -2.49 -10.05 -11.04
C VAL B 335 -1.16 -10.37 -11.69
N LYS B 336 -1.18 -11.09 -12.81
CA LYS B 336 0.08 -11.45 -13.45
C LYS B 336 0.74 -10.22 -14.10
N SER B 337 2.06 -10.10 -13.94
CA SER B 337 2.86 -9.09 -14.65
C SER B 337 3.30 -9.61 -16.00
N PRO B 338 2.87 -8.96 -17.09
CA PRO B 338 3.34 -9.43 -18.39
C PRO B 338 4.84 -9.25 -18.59
N VAL B 339 5.43 -8.30 -17.87
CA VAL B 339 6.87 -8.08 -17.97
C VAL B 339 7.59 -8.72 -16.79
N PRO B 340 8.46 -9.70 -17.07
CA PRO B 340 9.17 -10.41 -15.99
C PRO B 340 10.38 -9.61 -15.50
N MET B 341 10.18 -8.74 -14.52
CA MET B 341 11.21 -7.77 -14.11
C MET B 341 12.49 -8.36 -13.51
N VAL B 342 12.44 -9.59 -12.98
CA VAL B 342 13.67 -10.21 -12.49
C VAL B 342 14.53 -10.63 -13.69
N HIS B 343 13.94 -11.40 -14.58
CA HIS B 343 14.58 -11.83 -15.83
C HIS B 343 15.11 -10.65 -16.60
N LEU B 344 14.31 -9.60 -16.71
CA LEU B 344 14.73 -8.40 -17.43
C LEU B 344 15.90 -7.73 -16.74
N SER B 345 15.80 -7.59 -15.42
CA SER B 345 16.85 -6.93 -14.66
C SER B 345 18.21 -7.61 -14.83
N TRP B 346 18.26 -8.95 -14.85
CA TRP B 346 19.54 -9.63 -15.09
C TRP B 346 20.06 -9.36 -16.51
N ASN B 347 19.17 -9.36 -17.50
CA ASN B 347 19.56 -9.06 -18.87
C ASN B 347 20.08 -7.62 -19.02
N MET B 348 19.49 -6.68 -18.29
CA MET B 348 20.00 -5.30 -18.28
C MET B 348 21.44 -5.30 -17.77
N ALA B 349 21.70 -6.03 -16.69
CA ALA B 349 23.03 -6.06 -16.08
C ALA B 349 24.04 -6.73 -17.01
N ARG B 350 23.57 -7.69 -17.80
CA ARG B 350 24.42 -8.38 -18.76
C ARG B 350 24.80 -7.53 -19.95
N ASN B 351 23.85 -6.76 -20.49
CA ASN B 351 24.01 -6.23 -21.82
C ASN B 351 24.03 -4.72 -21.90
N ILE B 352 23.74 -4.05 -20.80
CA ILE B 352 23.60 -2.61 -20.89
C ILE B 352 24.62 -1.91 -20.01
N LYS B 353 25.33 -0.96 -20.60
CA LYS B 353 26.20 -0.10 -19.82
C LYS B 353 25.38 1.03 -19.26
N VAL B 354 25.30 1.11 -17.95
CA VAL B 354 24.44 2.10 -17.31
C VAL B 354 25.28 3.27 -16.81
N SER B 355 24.89 4.48 -17.22
CA SER B 355 25.64 5.67 -16.89
C SER B 355 24.86 6.69 -16.05
N ASP B 356 23.56 6.46 -15.86
CA ASP B 356 22.77 7.26 -14.93
C ASP B 356 22.86 6.67 -13.53
N PRO B 357 23.40 7.43 -12.56
CA PRO B 357 23.62 6.93 -11.21
C PRO B 357 22.33 6.50 -10.51
N LYS B 358 21.22 7.23 -10.69
CA LYS B 358 19.98 6.85 -10.03
C LYS B 358 19.52 5.49 -10.55
N LEU B 359 19.48 5.35 -11.87
CA LEU B 359 19.05 4.10 -12.50
C LEU B 359 19.95 2.95 -12.09
N PHE B 360 21.26 3.21 -12.10
CA PHE B 360 22.21 2.18 -11.74
C PHE B 360 21.96 1.68 -10.30
N GLU B 361 21.74 2.61 -9.38
CA GLU B 361 21.54 2.23 -7.99
C GLU B 361 20.27 1.39 -7.81
N MET B 362 19.22 1.72 -8.55
CA MET B 362 17.97 0.93 -8.51
C MET B 362 18.18 -0.50 -8.98
N ILE B 363 18.88 -0.67 -10.12
CA ILE B 363 19.11 -2.01 -10.65
C ILE B 363 20.03 -2.82 -9.74
N LYS B 364 21.13 -2.20 -9.32
CA LYS B 364 22.07 -2.85 -8.41
C LYS B 364 21.35 -3.36 -7.15
N TYR B 365 20.52 -2.51 -6.56
CA TYR B 365 19.74 -2.81 -5.37
C TYR B 365 18.79 -4.00 -5.60
N CYS B 366 18.08 -3.98 -6.73
CA CYS B 366 17.17 -5.08 -7.06
C CYS B 366 17.92 -6.40 -7.24
N LEU B 367 19.01 -6.36 -7.99
CA LEU B 367 19.78 -7.56 -8.26
C LEU B 367 20.35 -8.21 -7.02
N LEU B 368 20.88 -7.38 -6.11
CA LEU B 368 21.43 -7.89 -4.87
C LEU B 368 20.33 -8.54 -4.04
N LYS B 369 19.17 -7.90 -4.02
CA LYS B 369 18.01 -8.43 -3.33
C LYS B 369 17.65 -9.81 -3.89
N ILE B 370 17.55 -9.91 -5.22
CA ILE B 370 17.25 -11.18 -5.87
C ILE B 370 18.30 -12.24 -5.57
N LEU B 371 19.55 -11.82 -5.67
CA LEU B 371 20.69 -12.73 -5.49
C LEU B 371 20.69 -13.35 -4.11
N LYS B 372 20.52 -12.50 -3.10
CA LYS B 372 20.54 -12.96 -1.73
C LYS B 372 19.37 -13.90 -1.39
N GLN B 373 18.17 -13.55 -1.83
N GLN B 373 18.14 -13.56 -1.77
CA GLN B 373 16.99 -14.37 -1.55
CA GLN B 373 17.04 -14.48 -1.43
C GLN B 373 17.18 -15.74 -2.20
C GLN B 373 17.20 -15.79 -2.19
N TYR B 374 17.76 -15.72 -3.40
CA TYR B 374 18.07 -16.93 -4.16
C TYR B 374 19.10 -17.82 -3.48
N GLN B 375 20.21 -17.23 -3.04
CA GLN B 375 21.29 -17.97 -2.37
C GLN B 375 20.83 -18.62 -1.07
N THR B 376 20.01 -17.90 -0.31
CA THR B 376 19.46 -18.41 0.93
C THR B 376 18.60 -19.65 0.71
N LEU B 377 17.67 -19.54 -0.22
CA LEU B 377 16.76 -20.62 -0.54
C LEU B 377 17.55 -21.82 -1.05
N ARG B 378 18.49 -21.58 -1.95
CA ARG B 378 19.27 -22.69 -2.52
C ARG B 378 19.99 -23.47 -1.44
N GLU B 379 20.57 -22.77 -0.48
CA GLU B 379 21.26 -23.47 0.61
C GLU B 379 20.31 -24.14 1.58
N ALA B 380 19.10 -23.59 1.72
CA ALA B 380 18.11 -24.20 2.61
C ALA B 380 17.68 -25.55 2.05
N LEU B 381 17.40 -25.58 0.75
CA LEU B 381 17.02 -26.80 0.06
C LEU B 381 18.11 -27.87 0.17
N VAL B 382 19.34 -27.48 -0.15
CA VAL B 382 20.49 -28.39 -0.07
C VAL B 382 20.71 -28.88 1.37
N ALA B 383 20.43 -28.01 2.34
CA ALA B 383 20.55 -28.35 3.77
C ALA B 383 19.52 -29.40 4.19
N ALA B 384 18.39 -29.42 3.49
CA ALA B 384 17.34 -30.40 3.76
C ALA B 384 17.55 -31.62 2.87
N GLY B 385 18.75 -31.75 2.32
CA GLY B 385 19.10 -32.90 1.50
C GLY B 385 18.35 -32.96 0.18
N LYS B 386 17.90 -31.81 -0.32
CA LYS B 386 17.19 -31.78 -1.58
C LYS B 386 18.18 -31.54 -2.72
N GLU B 387 18.21 -32.43 -3.70
CA GLU B 387 19.13 -32.30 -4.82
C GLU B 387 18.74 -31.16 -5.78
N VAL B 388 19.68 -30.25 -6.04
CA VAL B 388 19.46 -29.26 -7.07
C VAL B 388 19.94 -29.78 -8.41
N ILE B 389 19.00 -30.03 -9.30
CA ILE B 389 19.29 -30.64 -10.60
C ILE B 389 19.54 -29.59 -11.70
N TRP B 390 20.70 -29.65 -12.35
CA TRP B 390 21.01 -28.73 -13.43
C TRP B 390 20.09 -28.91 -14.62
N HIS B 391 19.44 -27.85 -15.05
CA HIS B 391 18.45 -27.96 -16.11
C HIS B 391 18.75 -27.04 -17.31
N GLY B 392 19.35 -25.88 -17.02
CA GLY B 392 19.73 -24.93 -18.07
C GLY B 392 18.57 -24.39 -18.88
N ARG B 393 18.89 -23.78 -20.03
CA ARG B 393 17.89 -23.16 -20.90
C ARG B 393 18.45 -22.85 -22.30
N THR B 394 17.58 -22.85 -23.31
CA THR B 394 17.94 -22.28 -24.62
C THR B 394 18.04 -20.77 -24.42
N ASN B 395 18.81 -20.08 -25.26
CA ASN B 395 18.96 -18.62 -25.10
C ASN B 395 17.69 -17.82 -25.35
N ASP B 396 16.86 -18.28 -26.27
CA ASP B 396 15.60 -17.58 -26.56
C ASP B 396 14.46 -18.05 -25.67
N GLU B 397 14.80 -18.76 -24.60
CA GLU B 397 13.78 -19.30 -23.69
C GLU B 397 13.22 -18.21 -22.79
N PRO B 398 11.89 -18.10 -22.76
CA PRO B 398 11.19 -17.06 -22.00
C PRO B 398 11.38 -17.21 -20.49
N ALA B 399 11.04 -16.16 -19.75
CA ALA B 399 10.96 -16.24 -18.30
C ALA B 399 9.83 -17.20 -17.90
N HIS B 400 9.92 -17.77 -16.70
CA HIS B 400 8.88 -18.69 -16.23
C HIS B 400 8.02 -18.08 -15.13
N TYR B 401 6.75 -18.44 -15.13
CA TYR B 401 5.82 -18.03 -14.08
C TYR B 401 5.20 -19.25 -13.38
N CYS B 402 4.83 -19.09 -12.11
CA CYS B 402 4.23 -20.18 -11.36
C CYS B 402 2.92 -20.62 -12.02
N SER B 403 2.77 -21.92 -12.27
CA SER B 403 1.54 -22.43 -12.90
C SER B 403 0.32 -22.29 -11.99
N ILE B 404 0.54 -22.03 -10.69
CA ILE B 404 -0.57 -21.83 -9.77
C ILE B 404 -0.90 -20.33 -9.56
N CYS B 405 0.07 -19.58 -9.05
CA CYS B 405 -0.18 -18.19 -8.62
C CYS B 405 0.30 -17.13 -9.62
N GLU B 406 0.99 -17.58 -10.65
CA GLU B 406 1.49 -16.76 -11.76
C GLU B 406 2.54 -15.71 -11.37
N VAL B 407 3.13 -15.82 -10.18
CA VAL B 407 4.27 -14.98 -9.84
C VAL B 407 5.43 -15.41 -10.75
N GLU B 408 6.32 -14.47 -11.09
CA GLU B 408 7.51 -14.84 -11.84
C GLU B 408 8.37 -15.77 -10.96
N VAL B 409 8.95 -16.80 -11.56
CA VAL B 409 9.85 -17.70 -10.87
C VAL B 409 11.21 -17.61 -11.51
N PHE B 410 12.23 -17.30 -10.72
CA PHE B 410 13.55 -17.12 -11.28
C PHE B 410 14.54 -18.19 -10.82
N ASN B 411 15.16 -18.81 -11.84
CA ASN B 411 16.27 -19.75 -11.70
C ASN B 411 15.88 -21.12 -11.14
N LEU B 412 15.49 -21.17 -9.87
CA LEU B 412 15.08 -22.44 -9.26
C LEU B 412 13.63 -22.75 -9.57
N LEU B 413 13.39 -23.77 -10.39
CA LEU B 413 12.03 -24.15 -10.76
C LEU B 413 11.57 -25.37 -9.97
N PHE B 414 10.34 -25.34 -9.45
CA PHE B 414 9.84 -26.47 -8.69
C PHE B 414 8.85 -27.25 -9.54
N VAL B 415 9.25 -28.46 -9.89
CA VAL B 415 8.51 -29.28 -10.82
C VAL B 415 8.19 -30.63 -10.17
N THR B 416 6.98 -31.13 -10.37
CA THR B 416 6.61 -32.41 -9.76
C THR B 416 7.49 -33.54 -10.29
N ASN B 417 7.66 -34.59 -9.50
CA ASN B 417 8.42 -35.77 -9.96
C ASN B 417 7.91 -36.27 -11.28
N GLU B 418 6.60 -36.26 -11.42
CA GLU B 418 5.95 -36.79 -12.60
C GLU B 418 6.17 -35.89 -13.83
N SER B 419 6.04 -34.58 -13.64
CA SER B 419 6.21 -33.64 -14.75
C SER B 419 7.66 -33.64 -15.23
N ASN B 420 8.57 -33.81 -14.28
CA ASN B 420 9.98 -33.95 -14.60
C ASN B 420 10.25 -35.18 -15.48
N THR B 421 9.83 -36.35 -15.00
CA THR B 421 9.95 -37.59 -15.77
C THR B 421 9.36 -37.46 -17.17
N GLN B 422 8.15 -36.90 -17.26
CA GLN B 422 7.46 -36.73 -18.53
C GLN B 422 8.02 -35.62 -19.41
N LYS B 423 8.97 -34.86 -18.87
CA LYS B 423 9.61 -33.75 -19.59
C LYS B 423 8.59 -32.68 -20.02
N THR B 424 7.56 -32.48 -19.20
CA THR B 424 6.64 -31.37 -19.41
C THR B 424 7.11 -30.14 -18.61
N TYR B 425 7.93 -30.38 -17.59
CA TYR B 425 8.56 -29.33 -16.79
C TYR B 425 7.61 -28.18 -16.37
N ILE B 426 6.47 -28.53 -15.76
CA ILE B 426 5.47 -27.54 -15.35
C ILE B 426 5.88 -26.78 -14.07
N VAL B 427 6.11 -25.47 -14.21
CA VAL B 427 6.77 -24.69 -13.14
C VAL B 427 5.86 -24.25 -11.97
N HIS B 428 6.34 -24.46 -10.75
CA HIS B 428 5.74 -23.91 -9.53
C HIS B 428 6.75 -23.01 -8.84
N CYS B 429 6.27 -22.00 -8.11
CA CYS B 429 7.14 -21.29 -7.18
C CYS B 429 7.33 -22.14 -5.93
N HIS B 430 8.27 -21.73 -5.08
CA HIS B 430 8.58 -22.47 -3.86
C HIS B 430 7.39 -22.56 -2.92
N ASP B 431 6.66 -21.46 -2.73
CA ASP B 431 5.53 -21.42 -1.79
C ASP B 431 4.38 -22.33 -2.23
N CYS B 432 4.07 -22.30 -3.52
CA CYS B 432 2.94 -23.08 -4.01
C CYS B 432 3.27 -24.57 -3.94
N ALA B 433 4.53 -24.91 -4.21
CA ALA B 433 4.97 -26.30 -4.08
C ALA B 433 4.87 -26.80 -2.62
N ARG B 434 5.37 -25.99 -1.69
CA ARG B 434 5.36 -26.33 -0.27
C ARG B 434 3.92 -26.45 0.27
N LYS B 435 3.01 -25.62 -0.21
CA LYS B 435 1.60 -25.76 0.16
C LYS B 435 1.00 -27.09 -0.28
N THR B 436 1.49 -27.61 -1.40
CA THR B 436 1.06 -28.90 -1.96
C THR B 436 1.74 -30.07 -1.26
N SER B 437 3.04 -29.94 -1.07
CA SER B 437 3.89 -31.02 -0.63
C SER B 437 4.86 -30.55 0.46
N LYS B 438 4.49 -30.77 1.73
CA LYS B 438 5.14 -30.11 2.87
C LYS B 438 6.67 -30.25 2.89
N SER B 439 7.22 -31.39 2.52
CA SER B 439 8.68 -31.52 2.52
C SER B 439 9.22 -31.53 1.10
N LEU B 440 8.40 -31.06 0.16
CA LEU B 440 8.72 -31.10 -1.27
C LEU B 440 9.02 -32.51 -1.72
N GLU B 441 8.40 -33.49 -1.05
CA GLU B 441 8.66 -34.89 -1.40
C GLU B 441 8.11 -35.19 -2.79
N ASN B 442 7.13 -34.41 -3.23
CA ASN B 442 6.53 -34.59 -4.56
C ASN B 442 7.20 -33.81 -5.69
N PHE B 443 8.24 -33.03 -5.37
CA PHE B 443 8.83 -32.11 -6.36
C PHE B 443 10.32 -32.34 -6.58
N VAL B 444 10.80 -32.03 -7.79
CA VAL B 444 12.23 -31.87 -8.04
C VAL B 444 12.55 -30.36 -8.15
N VAL B 445 13.80 -30.00 -7.86
CA VAL B 445 14.27 -28.62 -8.01
C VAL B 445 15.18 -28.49 -9.25
N LEU B 446 14.72 -27.72 -10.24
CA LEU B 446 15.50 -27.50 -11.45
C LEU B 446 16.20 -26.15 -11.37
N GLU B 447 17.46 -26.11 -11.82
CA GLU B 447 18.21 -24.85 -11.83
C GLU B 447 18.57 -24.46 -13.26
N GLN B 448 18.23 -23.23 -13.63
CA GLN B 448 18.47 -22.78 -15.01
C GLN B 448 19.75 -21.94 -15.17
N TYR B 449 20.25 -21.38 -14.07
CA TYR B 449 21.48 -20.59 -14.11
C TYR B 449 22.40 -21.04 -12.99
N LYS B 450 23.67 -21.22 -13.31
CA LYS B 450 24.70 -21.50 -12.31
C LYS B 450 24.83 -20.30 -11.39
N MET B 451 25.13 -20.52 -10.12
CA MET B 451 25.27 -19.39 -9.20
C MET B 451 26.48 -18.52 -9.53
N GLU B 452 27.55 -19.16 -10.01
CA GLU B 452 28.77 -18.45 -10.36
C GLU B 452 28.52 -17.48 -11.51
N ASP B 453 27.69 -17.90 -12.45
CA ASP B 453 27.38 -17.07 -13.60
C ASP B 453 26.61 -15.83 -13.14
N LEU B 454 25.72 -16.01 -12.16
CA LEU B 454 24.94 -14.90 -11.60
C LEU B 454 25.78 -13.99 -10.71
N ILE B 455 26.69 -14.58 -9.94
CA ILE B 455 27.59 -13.78 -9.10
C ILE B 455 28.51 -12.89 -9.94
N GLN B 456 28.99 -13.44 -11.06
CA GLN B 456 29.87 -12.68 -11.93
C GLN B 456 29.14 -11.51 -12.56
N VAL B 457 27.92 -11.76 -13.04
CA VAL B 457 27.11 -10.72 -13.68
C VAL B 457 26.91 -9.56 -12.72
N TYR B 458 26.64 -9.86 -11.45
CA TYR B 458 26.46 -8.82 -10.45
C TYR B 458 27.75 -8.03 -10.18
N ASP B 459 28.87 -8.74 -10.06
CA ASP B 459 30.16 -8.11 -9.78
C ASP B 459 30.60 -7.22 -10.93
N GLN B 460 30.32 -7.67 -12.14
CA GLN B 460 30.74 -6.97 -13.33
C GLN B 460 29.80 -5.82 -13.72
N PHE B 461 28.69 -5.69 -12.98
CA PHE B 461 27.73 -4.63 -13.27
C PHE B 461 28.14 -3.34 -12.55
N THR B 462 28.78 -2.43 -13.29
CA THR B 462 29.30 -1.20 -12.69
C THR B 462 28.83 0.07 -13.38
N LEU B 463 28.84 1.18 -12.64
CA LEU B 463 28.43 2.48 -13.14
C LEU B 463 29.46 3.07 -14.09
N ALA B 464 29.10 3.20 -15.36
CA ALA B 464 29.96 3.87 -16.32
C ALA B 464 29.89 5.39 -16.17
N LEU B 465 30.99 6.07 -16.45
CA LEU B 465 30.91 7.53 -16.53
C LEU B 465 30.48 7.97 -17.93
N SER B 466 29.40 8.75 -17.99
CA SER B 466 29.05 9.43 -19.24
C SER B 466 28.77 10.88 -18.90
N LEU B 467 29.25 11.79 -19.73
CA LEU B 467 29.00 13.21 -19.52
C LEU B 467 27.66 13.61 -20.11
N SER B 468 26.99 12.64 -20.75
CA SER B 468 25.74 12.89 -21.47
C SER B 468 24.53 12.99 -20.57
N SER B 469 23.47 13.61 -21.09
CA SER B 469 22.18 13.70 -20.38
C SER B 469 21.41 12.38 -20.45
#